data_7UM5
#
_entry.id   7UM5
#
_cell.length_a   1.00
_cell.length_b   1.00
_cell.length_c   1.00
_cell.angle_alpha   90.00
_cell.angle_beta   90.00
_cell.angle_gamma   90.00
#
_symmetry.space_group_name_H-M   'P 1'
#
loop_
_entity.id
_entity.type
_entity.pdbx_description
1 polymer '5-hydroxytryptamine receptor 5A'
2 polymer 'miniGo protein'
3 polymer 'Guanine nucleotide-binding protein G(I)/G(S)/G(T) subunit beta-1'
4 polymer 'Guanine nucleotide-binding protein G(I)/G(S)/G(O) subunit gamma-2'
5 polymer 'Single-chain variable fragment scFv16'
6 non-polymer 3-(2-azanylethyl)-1H-indole-5-carboxamide
7 water water
#
loop_
_entity_poly.entity_id
_entity_poly.type
_entity_poly.pdbx_seq_one_letter_code
_entity_poly.pdbx_strand_id
1 'polypeptide(L)'
;SSPLLSVFGVLILTLLGFLVAATFAWNLLVLATILRVRTFHRVPHNLVASMAVSDVLVAALVMPLSLVHELSGRRWQLGR
RLCQLWIACDVLCCTASIWNVTAIALDRYWSITRPMEYTLRTRKCVSNVMIALTWALSAVISLAPLLFGWGETYSEGSEE
CQVSREPSYAVFSTVGAFYLPLCVVLFVYWKIYKAAKFRVGSRKTNSVSPISEAVEVKDSAKQPQMVFTVRHATVTFQPE
GDTWREQKEQRAALMVGILIGVFVLCWIPFFLTELISPLCSCDIPAIWKSIFLWLGYSNSFFNPLIYTAFNKNYNSAFKN
FFSRQH
;
A
2 'polypeptide(L)'
;TLSAEDKAAVERSKMIEKNLKEDGISAAKDVKLLLLGADNSGKSTIVKQMKIIHGGSGGSGGTTGIVETHFTFKNLHFRL
FDVGGQRSERKKWIHCFEDVTAIIFCVDLSDYNRMHESLMLFDSICNNKFFIDTSIILFLNKKDLFGEKIKKSPLTICFP
EYTGPNTYEDAAAYIQAQFESKNRSPNKEIYCHMTCATDTNNAQVIFDAVTDIIIANNLRGCGLY
;
B
3 'polypeptide(L)'
;SELDQLRQEAEQLKNQIRDARKACADATLSQITNNIDPVGRIQMRTRRTLRGHLAKIYAMHWGTDSRLLVSASQDGKLII
WDSYTTNKVHAIPLRSSWVMTCAYAPSGNYVACGGLDNICSIYNLKTREGNVRVSRELAGHTGYLSCCRFLDDNQIVTSS
GDTTCALWDIETGQQTTTFTGHTGDVMSLSLAPDTRLFVSGACDASAKLWDVREGMCRQTFTGHESDINAICFFPNGNAF
ATGSDDATCRLFDLRADQELMTYSHDNIICGITSVSFSKSGRLLLAGYDDFNCNVWDALKADRAGVLAGHDNRVSCLGVT
DDGMAVATGSWDSFLKIWN
;
C
4 'polypeptide(L)' MASNNTASIAQARKLVEQLKMEANIDRIKVSKAAADLMAYCEAHAKEDPLLTPVPASENPFREKKFFCAIL D
5 'polypeptide(L)'
;DVQLVESGGGLVQPGGSRKLSCSASGFAFSSFGMHWVRQAPEKGLEWVAYISSGSGTIYYADTVKGRFTISRDDPKNTLF
LQMTSLRSEDTAMYYCVRSIYYYGSSPFDFWGQGTTLTVSSGGGGSGGGGSGGGGSDIVMTQATSSVPVTPGESVSISCR
SSKSLLHSNGNTYLYWFLQRPGQSPQLLIYRMSNLASGVPDRFSGSGSGTAFTLTISRLEAEDVGVYYCMQHLEYPLTFG
AGTKLELKAAA
;
E
#
# COMPACT_ATOMS: atom_id res chain seq x y z
N GLY A 9 10.21 -23.90 56.73
CA GLY A 9 8.80 -24.20 56.53
C GLY A 9 8.00 -23.02 55.99
N VAL A 10 8.70 -21.91 55.75
CA VAL A 10 8.06 -20.70 55.24
C VAL A 10 8.67 -20.22 53.92
N LEU A 11 9.92 -20.59 53.61
CA LEU A 11 10.52 -20.18 52.34
C LEU A 11 9.84 -20.84 51.15
N ILE A 12 9.17 -21.97 51.35
CA ILE A 12 8.48 -22.65 50.26
C ILE A 12 7.38 -21.76 49.71
N LEU A 13 6.62 -21.11 50.60
CA LEU A 13 5.57 -20.20 50.15
C LEU A 13 6.14 -19.02 49.38
N THR A 14 7.34 -18.58 49.72
CA THR A 14 7.97 -17.49 48.97
C THR A 14 8.27 -17.92 47.54
N LEU A 15 8.64 -19.18 47.35
CA LEU A 15 8.88 -19.69 45.99
C LEU A 15 7.60 -19.65 45.16
N LEU A 16 6.47 -20.02 45.76
CA LEU A 16 5.19 -19.95 45.06
C LEU A 16 4.78 -18.52 44.76
N GLY A 17 5.29 -17.54 45.51
CA GLY A 17 4.98 -16.15 45.23
C GLY A 17 5.56 -15.68 43.91
N PHE A 18 6.77 -16.14 43.58
CA PHE A 18 7.37 -15.77 42.30
C PHE A 18 6.66 -16.45 41.14
N LEU A 19 6.20 -17.69 41.35
CA LEU A 19 5.50 -18.41 40.28
C LEU A 19 4.20 -17.70 39.90
N VAL A 20 3.42 -17.28 40.91
CA VAL A 20 2.16 -16.60 40.62
C VAL A 20 2.40 -15.21 40.05
N ALA A 21 3.44 -14.52 40.53
CA ALA A 21 3.70 -13.15 40.08
C ALA A 21 4.24 -13.14 38.66
N ALA A 22 5.22 -14.00 38.36
CA ALA A 22 5.84 -13.98 37.05
C ALA A 22 4.86 -14.36 35.95
N THR A 23 4.01 -15.36 36.21
CA THR A 23 3.09 -15.84 35.19
C THR A 23 2.15 -14.75 34.72
N PHE A 24 1.86 -13.77 35.57
CA PHE A 24 0.93 -12.68 35.19
C PHE A 24 1.60 -11.74 34.18
N ALA A 25 2.92 -11.78 34.06
CA ALA A 25 3.60 -10.80 33.19
C ALA A 25 4.14 -11.48 31.95
N TRP A 26 4.67 -12.69 32.11
CA TRP A 26 5.13 -13.40 30.89
C TRP A 26 4.01 -13.36 29.84
N ASN A 27 2.75 -13.51 30.26
CA ASN A 27 1.64 -13.55 29.28
C ASN A 27 1.14 -12.14 28.94
N LEU A 28 1.06 -11.23 29.91
CA LEU A 28 0.70 -9.84 29.63
C LEU A 28 1.66 -9.23 28.62
N LEU A 29 2.93 -9.60 28.67
CA LEU A 29 3.89 -9.12 27.67
C LEU A 29 3.52 -9.62 26.28
N VAL A 30 3.10 -10.89 26.18
CA VAL A 30 2.75 -11.45 24.88
C VAL A 30 1.52 -10.76 24.30
N LEU A 31 0.51 -10.50 25.14
CA LEU A 31 -0.69 -9.80 24.66
C LEU A 31 -0.35 -8.40 24.19
N ALA A 32 0.52 -7.69 24.92
CA ALA A 32 0.91 -6.35 24.52
C ALA A 32 1.68 -6.38 23.19
N THR A 33 2.58 -7.35 23.03
CA THR A 33 3.40 -7.43 21.83
C THR A 33 2.54 -7.65 20.59
N ILE A 34 1.54 -8.52 20.66
CA ILE A 34 0.72 -8.84 19.50
C ILE A 34 -0.03 -7.60 19.04
N LEU A 35 -0.60 -6.83 19.97
CA LEU A 35 -1.33 -5.63 19.59
C LEU A 35 -0.40 -4.51 19.14
N ARG A 36 0.74 -4.36 19.82
CA ARG A 36 1.64 -3.25 19.52
C ARG A 36 2.35 -3.47 18.18
N VAL A 37 2.87 -4.67 17.96
CA VAL A 37 3.62 -4.95 16.74
C VAL A 37 2.65 -5.29 15.62
N ARG A 38 2.75 -4.57 14.50
CA ARG A 38 1.87 -4.80 13.37
C ARG A 38 2.27 -6.03 12.55
N THR A 39 3.46 -6.58 12.78
CA THR A 39 3.87 -7.79 12.07
C THR A 39 3.16 -9.03 12.60
N PHE A 40 2.75 -9.02 13.86
CA PHE A 40 2.04 -10.16 14.47
C PHE A 40 0.53 -10.03 14.27
N HIS A 41 0.11 -9.87 13.02
CA HIS A 41 -1.30 -9.74 12.67
C HIS A 41 -1.73 -10.78 11.65
N ARG A 42 -1.00 -11.89 11.55
CA ARG A 42 -1.29 -12.94 10.59
C ARG A 42 -2.27 -13.95 11.17
N VAL A 43 -2.53 -15.01 10.41
CA VAL A 43 -3.51 -16.03 10.79
C VAL A 43 -3.12 -16.82 12.04
N PRO A 44 -1.89 -17.32 12.21
CA PRO A 44 -1.65 -18.26 13.30
C PRO A 44 -1.42 -17.63 14.66
N HIS A 45 -1.39 -16.31 14.77
CA HIS A 45 -1.19 -15.66 16.06
C HIS A 45 -2.47 -15.45 16.83
N ASN A 46 -3.64 -15.67 16.22
CA ASN A 46 -4.88 -15.61 16.97
C ASN A 46 -4.97 -16.72 18.00
N LEU A 47 -4.53 -17.93 17.64
CA LEU A 47 -4.52 -19.04 18.58
C LEU A 47 -3.51 -18.82 19.70
N VAL A 48 -2.42 -18.12 19.42
CA VAL A 48 -1.45 -17.81 20.46
C VAL A 48 -2.03 -16.83 21.47
N ALA A 49 -2.80 -15.85 20.97
CA ALA A 49 -3.41 -14.87 21.87
C ALA A 49 -4.43 -15.52 22.80
N SER A 50 -5.21 -16.48 22.28
CA SER A 50 -6.22 -17.13 23.10
C SER A 50 -5.59 -17.90 24.26
N MET A 51 -4.45 -18.54 24.03
CA MET A 51 -3.77 -19.24 25.10
C MET A 51 -3.25 -18.29 26.16
N ALA A 52 -2.86 -17.08 25.78
CA ALA A 52 -2.37 -16.11 26.75
C ALA A 52 -3.50 -15.58 27.63
N VAL A 53 -4.68 -15.35 27.05
CA VAL A 53 -5.81 -14.85 27.83
C VAL A 53 -6.21 -15.86 28.90
N SER A 54 -6.27 -17.14 28.53
CA SER A 54 -6.62 -18.17 29.51
C SER A 54 -5.57 -18.26 30.61
N ASP A 55 -4.30 -18.11 30.25
CA ASP A 55 -3.23 -18.17 31.26
C ASP A 55 -3.30 -16.99 32.21
N VAL A 56 -3.70 -15.81 31.72
CA VAL A 56 -3.80 -14.64 32.58
C VAL A 56 -4.87 -14.85 33.65
N LEU A 57 -6.02 -15.39 33.24
CA LEU A 57 -7.12 -15.57 34.19
C LEU A 57 -6.74 -16.55 35.28
N VAL A 58 -5.99 -17.59 34.95
CA VAL A 58 -5.46 -18.48 35.98
C VAL A 58 -4.48 -17.73 36.88
N ALA A 59 -3.73 -16.78 36.32
CA ALA A 59 -2.69 -16.10 37.08
C ALA A 59 -3.27 -15.19 38.15
N ALA A 60 -4.40 -14.53 37.86
CA ALA A 60 -4.93 -13.50 38.74
C ALA A 60 -6.24 -13.86 39.40
N LEU A 61 -6.90 -14.94 38.99
CA LEU A 61 -8.21 -15.27 39.52
C LEU A 61 -8.33 -16.70 40.03
N VAL A 62 -7.28 -17.51 39.94
CA VAL A 62 -7.37 -18.89 40.40
C VAL A 62 -6.31 -19.16 41.46
N MET A 63 -5.03 -19.08 41.08
CA MET A 63 -3.97 -19.38 42.04
C MET A 63 -3.90 -18.41 43.21
N PRO A 64 -3.98 -17.08 43.04
CA PRO A 64 -3.88 -16.20 44.22
C PRO A 64 -4.96 -16.47 45.27
N LEU A 65 -6.19 -16.74 44.84
CA LEU A 65 -7.25 -17.01 45.81
C LEU A 65 -7.16 -18.41 46.39
N SER A 66 -6.70 -19.39 45.60
CA SER A 66 -6.52 -20.75 46.10
C SER A 66 -5.28 -20.88 46.98
N LEU A 67 -4.41 -19.89 47.00
CA LEU A 67 -3.26 -19.92 47.90
C LEU A 67 -3.68 -19.76 49.35
N VAL A 68 -4.78 -19.04 49.59
CA VAL A 68 -5.28 -18.87 50.95
C VAL A 68 -5.74 -20.21 51.50
N HIS A 69 -6.35 -21.05 50.66
CA HIS A 69 -6.86 -22.34 51.09
C HIS A 69 -5.72 -23.36 51.12
N GLU A 70 -4.61 -22.99 51.75
CA GLU A 70 -3.51 -23.91 51.97
C GLU A 70 -3.02 -23.90 53.41
N LEU A 71 -2.92 -22.73 54.03
CA LEU A 71 -2.58 -22.66 55.45
C LEU A 71 -3.76 -23.01 56.33
N SER A 72 -4.98 -22.67 55.89
CA SER A 72 -6.20 -22.94 56.63
C SER A 72 -6.69 -24.38 56.45
N GLY A 73 -5.81 -25.28 56.00
CA GLY A 73 -6.19 -26.68 55.84
C GLY A 73 -7.28 -26.88 54.83
N ARG A 74 -8.47 -27.24 55.31
CA ARG A 74 -9.65 -27.43 54.47
C ARG A 74 -10.80 -26.57 54.97
N ARG A 75 -10.48 -25.35 55.44
CA ARG A 75 -11.47 -24.45 56.01
C ARG A 75 -11.66 -23.27 55.09
N TRP A 76 -12.91 -22.96 54.77
CA TRP A 76 -13.28 -21.84 53.90
C TRP A 76 -14.34 -21.02 54.61
N GLN A 77 -13.92 -20.10 55.47
CA GLN A 77 -14.82 -19.15 56.12
C GLN A 77 -14.82 -17.81 55.41
N LEU A 78 -15.09 -17.85 54.10
CA LEU A 78 -15.02 -16.66 53.26
C LEU A 78 -16.29 -16.37 52.49
N GLY A 79 -17.30 -17.22 52.57
CA GLY A 79 -18.57 -16.94 51.92
C GLY A 79 -19.11 -18.07 51.07
N ARG A 80 -20.39 -18.38 51.24
CA ARG A 80 -20.99 -19.46 50.47
C ARG A 80 -21.26 -19.03 49.02
N ARG A 81 -21.41 -17.74 48.78
CA ARG A 81 -21.60 -17.24 47.42
C ARG A 81 -20.29 -17.06 46.68
N LEU A 82 -19.15 -17.32 47.33
CA LEU A 82 -17.84 -17.18 46.70
C LEU A 82 -17.21 -18.50 46.29
N CYS A 83 -17.54 -19.60 46.97
CA CYS A 83 -17.05 -20.90 46.54
C CYS A 83 -17.56 -21.26 45.15
N GLN A 84 -18.84 -20.96 44.88
CA GLN A 84 -19.39 -21.26 43.57
C GLN A 84 -18.66 -20.50 42.47
N LEU A 85 -18.27 -19.25 42.75
CA LEU A 85 -17.52 -18.48 41.78
C LEU A 85 -16.09 -18.98 41.63
N TRP A 86 -15.42 -19.26 42.75
CA TRP A 86 -14.03 -19.70 42.70
C TRP A 86 -13.89 -21.07 42.06
N ILE A 87 -14.78 -22.00 42.40
CA ILE A 87 -14.71 -23.35 41.83
C ILE A 87 -15.01 -23.31 40.34
N ALA A 88 -16.03 -22.55 39.93
CA ALA A 88 -16.37 -22.47 38.52
C ALA A 88 -15.24 -21.87 37.71
N CYS A 89 -14.60 -20.80 38.21
CA CYS A 89 -13.53 -20.16 37.48
C CYS A 89 -12.29 -21.05 37.41
N ASP A 90 -12.02 -21.82 38.45
CA ASP A 90 -10.87 -22.72 38.44
C ASP A 90 -11.03 -23.78 37.35
N VAL A 91 -12.22 -24.36 37.24
CA VAL A 91 -12.46 -25.39 36.24
C VAL A 91 -12.47 -24.79 34.84
N LEU A 92 -13.08 -23.61 34.68
CA LEU A 92 -13.26 -23.03 33.36
C LEU A 92 -11.93 -22.70 32.71
N CYS A 93 -11.03 -22.06 33.45
CA CYS A 93 -9.80 -21.55 32.84
C CYS A 93 -8.80 -22.66 32.58
N CYS A 94 -8.77 -23.68 33.45
CA CYS A 94 -7.84 -24.78 33.25
C CYS A 94 -8.19 -25.60 32.02
N THR A 95 -9.48 -25.81 31.76
CA THR A 95 -9.90 -26.55 30.57
C THR A 95 -9.62 -25.77 29.30
N ALA A 96 -9.68 -24.43 29.36
CA ALA A 96 -9.40 -23.64 28.18
C ALA A 96 -7.94 -23.77 27.75
N SER A 97 -7.04 -23.89 28.73
CA SER A 97 -5.58 -24.01 28.47
C SER A 97 -5.26 -25.33 27.78
N ILE A 98 -5.95 -26.40 28.14
CA ILE A 98 -5.71 -27.71 27.55
C ILE A 98 -6.15 -27.74 26.09
N TRP A 99 -7.34 -27.21 25.81
CA TRP A 99 -7.87 -27.25 24.45
C TRP A 99 -7.21 -26.25 23.52
N ASN A 100 -6.58 -25.19 24.06
CA ASN A 100 -5.84 -24.28 23.20
C ASN A 100 -4.53 -24.90 22.73
N VAL A 101 -3.94 -25.78 23.53
CA VAL A 101 -2.79 -26.56 23.07
C VAL A 101 -3.19 -27.48 21.93
N THR A 102 -4.35 -28.12 22.04
CA THR A 102 -4.83 -29.00 20.98
C THR A 102 -5.12 -28.23 19.70
N ALA A 103 -5.68 -27.02 19.83
CA ALA A 103 -6.00 -26.21 18.65
C ALA A 103 -4.74 -25.85 17.87
N ILE A 104 -3.65 -25.53 18.57
CA ILE A 104 -2.41 -25.19 17.89
C ILE A 104 -1.85 -26.41 17.16
N ALA A 105 -1.90 -27.58 17.78
CA ALA A 105 -1.37 -28.79 17.17
C ALA A 105 -2.13 -29.16 15.90
N LEU A 106 -3.46 -29.05 15.92
CA LEU A 106 -4.25 -29.38 14.75
C LEU A 106 -3.98 -28.44 13.60
N ASP A 107 -3.70 -27.16 13.90
CA ASP A 107 -3.37 -26.20 12.84
C ASP A 107 -2.07 -26.57 12.14
N ARG A 108 -1.05 -26.99 12.89
CA ARG A 108 0.22 -27.38 12.29
C ARG A 108 0.10 -28.69 11.51
N TYR A 109 -0.78 -29.59 11.96
CA TYR A 109 -0.95 -30.86 11.27
C TYR A 109 -1.47 -30.65 9.85
N TRP A 110 -2.42 -29.75 9.67
CA TRP A 110 -3.05 -29.56 8.37
C TRP A 110 -2.24 -28.65 7.45
N SER A 111 -1.29 -27.88 7.98
CA SER A 111 -0.42 -27.08 7.14
C SER A 111 0.74 -27.88 6.56
N ILE A 112 1.00 -29.07 7.09
CA ILE A 112 2.03 -29.96 6.58
C ILE A 112 1.44 -31.03 5.67
N THR A 113 0.32 -31.62 6.08
CA THR A 113 -0.29 -32.69 5.30
C THR A 113 -0.97 -32.16 4.04
N ARG A 114 -1.68 -31.03 4.17
CA ARG A 114 -2.45 -30.45 3.06
C ARG A 114 -2.04 -29.00 2.88
N PRO A 115 -0.89 -28.76 2.23
CA PRO A 115 -0.40 -27.39 2.11
C PRO A 115 -1.02 -26.60 0.96
N MET A 116 -1.62 -27.27 -0.03
CA MET A 116 -2.17 -26.57 -1.17
C MET A 116 -3.49 -25.89 -0.85
N GLU A 117 -4.33 -26.52 -0.03
CA GLU A 117 -5.68 -26.02 0.24
C GLU A 117 -5.78 -25.25 1.55
N TYR A 118 -5.09 -25.69 2.60
CA TYR A 118 -5.20 -25.08 3.92
C TYR A 118 -4.35 -23.81 3.97
N THR A 119 -4.87 -22.77 3.32
CA THR A 119 -4.18 -21.49 3.29
C THR A 119 -5.16 -20.38 2.96
N LEU A 120 -4.73 -19.14 3.21
CA LEU A 120 -5.48 -17.92 2.88
C LEU A 120 -6.77 -17.90 3.71
N ARG A 121 -7.95 -17.79 3.09
CA ARG A 121 -9.17 -17.53 3.86
C ARG A 121 -9.64 -18.77 4.61
N THR A 122 -9.59 -19.94 3.99
CA THR A 122 -10.11 -21.15 4.62
C THR A 122 -9.32 -21.55 5.86
N ARG A 123 -8.08 -21.10 5.99
CA ARG A 123 -7.33 -21.37 7.21
C ARG A 123 -7.80 -20.49 8.36
N LYS A 124 -8.14 -19.22 8.05
CA LYS A 124 -8.62 -18.32 9.09
C LYS A 124 -9.96 -18.78 9.65
N CYS A 125 -10.85 -19.28 8.79
CA CYS A 125 -12.17 -19.70 9.25
C CYS A 125 -12.07 -20.85 10.24
N VAL A 126 -11.25 -21.87 9.94
CA VAL A 126 -11.11 -23.00 10.84
C VAL A 126 -10.41 -22.57 12.13
N SER A 127 -9.44 -21.66 12.03
CA SER A 127 -8.73 -21.19 13.21
C SER A 127 -9.68 -20.47 14.17
N ASN A 128 -10.60 -19.66 13.63
CA ASN A 128 -11.51 -18.91 14.48
C ASN A 128 -12.59 -19.81 15.07
N VAL A 129 -12.99 -20.87 14.37
CA VAL A 129 -13.97 -21.80 14.90
C VAL A 129 -13.44 -22.48 16.16
N MET A 130 -12.16 -22.88 16.13
CA MET A 130 -11.58 -23.55 17.28
C MET A 130 -11.55 -22.65 18.50
N ILE A 131 -11.27 -21.36 18.32
CA ILE A 131 -11.29 -20.42 19.43
C ILE A 131 -12.72 -20.30 19.99
N ALA A 132 -13.72 -20.34 19.12
CA ALA A 132 -15.09 -20.27 19.58
C ALA A 132 -15.49 -21.53 20.36
N LEU A 133 -15.10 -22.70 19.86
CA LEU A 133 -15.52 -23.95 20.48
C LEU A 133 -14.75 -24.25 21.76
N THR A 134 -13.51 -23.80 21.87
CA THR A 134 -12.71 -24.09 23.05
C THR A 134 -13.26 -23.43 24.31
N TRP A 135 -14.03 -22.35 24.17
CA TRP A 135 -14.65 -21.69 25.32
C TRP A 135 -16.07 -22.13 25.55
N ALA A 136 -16.82 -22.47 24.50
CA ALA A 136 -18.18 -22.96 24.67
C ALA A 136 -18.19 -24.31 25.40
N LEU A 137 -17.29 -25.21 25.03
CA LEU A 137 -17.24 -26.52 25.69
C LEU A 137 -16.76 -26.39 27.13
N SER A 138 -15.81 -25.48 27.38
CA SER A 138 -15.29 -25.32 28.74
C SER A 138 -16.37 -24.87 29.71
N ALA A 139 -17.25 -23.96 29.27
CA ALA A 139 -18.30 -23.45 30.15
C ALA A 139 -19.31 -24.53 30.51
N VAL A 140 -19.60 -25.44 29.59
CA VAL A 140 -20.61 -26.47 29.86
C VAL A 140 -20.18 -27.36 31.01
N ILE A 141 -18.91 -27.76 31.04
CA ILE A 141 -18.42 -28.65 32.08
C ILE A 141 -18.43 -27.95 33.43
N SER A 142 -18.06 -26.67 33.46
CA SER A 142 -17.89 -25.97 34.72
C SER A 142 -19.21 -25.63 35.37
N LEU A 143 -20.20 -25.19 34.58
CA LEU A 143 -21.45 -24.68 35.12
C LEU A 143 -22.52 -25.74 35.28
N ALA A 144 -22.29 -26.97 34.83
CA ALA A 144 -23.31 -28.00 34.94
C ALA A 144 -23.69 -28.35 36.38
N PRO A 145 -22.76 -28.59 37.30
CA PRO A 145 -23.18 -28.90 38.68
C PRO A 145 -23.94 -27.78 39.36
N LEU A 146 -23.67 -26.54 38.96
CA LEU A 146 -24.23 -25.36 39.66
C LEU A 146 -25.58 -25.00 39.06
N LEU A 147 -26.00 -25.65 37.98
CA LEU A 147 -27.26 -25.21 37.34
C LEU A 147 -28.25 -26.38 37.27
N PHE A 148 -27.78 -27.61 37.37
CA PHE A 148 -28.62 -28.76 37.76
C PHE A 148 -28.24 -29.12 39.19
N GLY A 149 -27.78 -30.34 39.46
CA GLY A 149 -27.30 -30.60 40.84
C GLY A 149 -26.71 -31.99 40.99
N TRP A 150 -25.70 -32.35 40.19
CA TRP A 150 -25.22 -33.72 40.21
C TRP A 150 -24.53 -34.08 41.51
N GLY A 151 -24.39 -33.12 42.42
CA GLY A 151 -23.69 -33.35 43.66
C GLY A 151 -23.52 -32.05 44.40
N GLU A 152 -23.06 -32.17 45.65
CA GLU A 152 -22.90 -31.02 46.51
C GLU A 152 -21.61 -30.28 46.20
N THR A 153 -21.73 -28.98 45.93
CA THR A 153 -20.56 -28.14 45.72
C THR A 153 -20.07 -27.46 46.98
N TYR A 154 -20.90 -27.41 48.02
CA TYR A 154 -20.52 -26.76 49.27
C TYR A 154 -21.35 -27.33 50.40
N SER A 155 -20.87 -27.13 51.63
CA SER A 155 -21.56 -27.60 52.82
C SER A 155 -21.09 -26.77 54.00
N GLU A 156 -22.05 -26.37 54.85
CA GLU A 156 -21.70 -25.59 56.02
C GLU A 156 -20.85 -26.39 57.00
N GLY A 157 -20.99 -27.71 56.99
CA GLY A 157 -20.20 -28.56 57.86
C GLY A 157 -18.72 -28.50 57.58
N SER A 158 -17.92 -28.19 58.61
CA SER A 158 -16.47 -28.18 58.55
C SER A 158 -15.93 -27.13 57.58
N GLU A 159 -16.82 -26.34 56.97
CA GLU A 159 -16.46 -25.28 56.03
C GLU A 159 -15.55 -25.83 54.93
N GLU A 160 -16.09 -26.77 54.17
CA GLU A 160 -15.36 -27.44 53.09
C GLU A 160 -15.96 -27.06 51.75
N CYS A 161 -15.13 -26.59 50.84
CA CYS A 161 -15.55 -26.26 49.47
C CYS A 161 -14.68 -27.05 48.51
N GLN A 162 -15.32 -27.84 47.65
CA GLN A 162 -14.63 -28.74 46.74
C GLN A 162 -15.59 -29.19 45.66
N VAL A 163 -15.03 -29.60 44.52
CA VAL A 163 -15.82 -29.96 43.35
C VAL A 163 -16.65 -31.20 43.63
N SER A 164 -17.62 -31.48 42.75
CA SER A 164 -18.52 -32.60 42.96
C SER A 164 -17.76 -33.92 42.93
N ARG A 165 -18.15 -34.84 43.81
CA ARG A 165 -17.53 -36.15 43.90
C ARG A 165 -18.46 -37.27 43.43
N GLU A 166 -19.54 -36.92 42.73
CA GLU A 166 -20.46 -37.94 42.25
C GLU A 166 -19.77 -38.79 41.18
N PRO A 167 -20.03 -40.10 41.16
CA PRO A 167 -19.40 -40.96 40.14
C PRO A 167 -19.75 -40.56 38.72
N SER A 168 -20.95 -40.04 38.48
CA SER A 168 -21.31 -39.62 37.13
C SER A 168 -20.49 -38.42 36.67
N TYR A 169 -20.25 -37.46 37.58
CA TYR A 169 -19.49 -36.28 37.20
C TYR A 169 -18.01 -36.60 37.02
N ALA A 170 -17.47 -37.54 37.80
CA ALA A 170 -16.07 -37.90 37.67
C ALA A 170 -15.77 -38.53 36.32
N VAL A 171 -16.65 -39.40 35.83
CA VAL A 171 -16.38 -40.13 34.60
C VAL A 171 -16.65 -39.28 33.35
N PHE A 172 -17.40 -38.18 33.49
CA PHE A 172 -17.71 -37.33 32.35
C PHE A 172 -16.83 -36.10 32.26
N SER A 173 -16.44 -35.51 33.39
CA SER A 173 -15.64 -34.30 33.36
C SER A 173 -14.20 -34.58 32.96
N THR A 174 -13.63 -35.68 33.46
CA THR A 174 -12.22 -35.96 33.20
C THR A 174 -11.99 -36.39 31.76
N VAL A 175 -12.88 -37.20 31.20
CA VAL A 175 -12.73 -37.66 29.83
C VAL A 175 -12.85 -36.48 28.86
N GLY A 176 -13.83 -35.60 29.08
CA GLY A 176 -14.06 -34.50 28.18
C GLY A 176 -13.13 -33.33 28.33
N ALA A 177 -12.23 -33.37 29.29
CA ALA A 177 -11.26 -32.30 29.52
C ALA A 177 -9.82 -32.72 29.27
N PHE A 178 -9.45 -33.95 29.61
CA PHE A 178 -8.07 -34.38 29.44
C PHE A 178 -7.91 -35.60 28.55
N TYR A 179 -8.70 -36.66 28.76
CA TYR A 179 -8.43 -37.92 28.09
C TYR A 179 -8.73 -37.84 26.60
N LEU A 180 -9.84 -37.19 26.23
CA LEU A 180 -10.16 -37.03 24.81
C LEU A 180 -9.12 -36.18 24.08
N PRO A 181 -8.72 -35.00 24.56
CA PRO A 181 -7.73 -34.22 23.81
C PRO A 181 -6.32 -34.77 23.85
N LEU A 182 -5.98 -35.59 24.85
CA LEU A 182 -4.63 -36.15 24.91
C LEU A 182 -4.36 -37.06 23.72
N CYS A 183 -5.36 -37.85 23.32
CA CYS A 183 -5.17 -38.76 22.19
C CYS A 183 -4.91 -38.00 20.90
N VAL A 184 -5.57 -36.86 20.71
CA VAL A 184 -5.38 -36.08 19.49
C VAL A 184 -3.95 -35.55 19.40
N VAL A 185 -3.40 -35.08 20.53
CA VAL A 185 -2.05 -34.52 20.51
C VAL A 185 -1.03 -35.60 20.16
N LEU A 186 -1.17 -36.79 20.74
CA LEU A 186 -0.20 -37.86 20.49
C LEU A 186 -0.25 -38.31 19.03
N PHE A 187 -1.45 -38.43 18.46
CA PHE A 187 -1.58 -38.85 17.07
C PHE A 187 -0.99 -37.82 16.11
N VAL A 188 -1.21 -36.53 16.37
CA VAL A 188 -0.77 -35.49 15.45
C VAL A 188 0.75 -35.41 15.40
N TYR A 189 1.39 -35.37 16.57
CA TYR A 189 2.84 -35.15 16.60
C TYR A 189 3.62 -36.39 16.19
N TRP A 190 3.00 -37.56 16.18
CA TRP A 190 3.66 -38.75 15.65
C TRP A 190 3.72 -38.70 14.14
N LYS A 191 2.63 -38.26 13.49
CA LYS A 191 2.63 -38.13 12.05
C LYS A 191 3.55 -37.01 11.58
N ILE A 192 3.68 -35.95 12.36
CA ILE A 192 4.57 -34.85 11.99
C ILE A 192 6.02 -35.31 12.01
N TYR A 193 6.37 -36.19 12.95
CA TYR A 193 7.69 -36.80 12.92
C TYR A 193 7.90 -37.62 11.66
N LYS A 194 6.88 -38.38 11.26
CA LYS A 194 6.99 -39.17 10.03
C LYS A 194 7.15 -38.27 8.81
N ALA A 195 6.44 -37.14 8.78
CA ALA A 195 6.53 -36.23 7.65
C ALA A 195 7.94 -35.65 7.51
N ALA A 196 8.56 -35.28 8.64
CA ALA A 196 9.89 -34.69 8.59
C ALA A 196 10.92 -35.70 8.06
N LYS A 197 10.84 -36.95 8.52
CA LYS A 197 11.81 -37.95 8.10
C LYS A 197 11.61 -38.35 6.65
N PHE A 198 10.36 -38.64 6.26
CA PHE A 198 10.08 -39.11 4.91
C PHE A 198 10.45 -38.05 3.87
N ARG A 199 10.14 -36.78 4.15
CA ARG A 199 10.52 -35.71 3.24
C ARG A 199 12.03 -35.57 3.16
N VAL A 200 12.71 -35.66 4.30
CA VAL A 200 14.16 -35.54 4.34
C VAL A 200 14.80 -36.91 4.17
N GLU A 246 22.08 -33.45 9.36
CA GLU A 246 22.33 -34.05 10.67
C GLU A 246 21.70 -33.21 11.79
N GLN A 247 21.59 -31.90 11.56
CA GLN A 247 20.97 -31.03 12.55
C GLN A 247 19.45 -31.13 12.52
N LYS A 248 18.86 -31.39 11.35
CA LYS A 248 17.41 -31.51 11.25
C LYS A 248 16.90 -32.71 12.06
N GLU A 249 17.62 -33.83 11.99
CA GLU A 249 17.20 -35.02 12.73
C GLU A 249 17.22 -34.76 14.23
N GLN A 250 18.27 -34.11 14.72
CA GLN A 250 18.34 -33.81 16.15
C GLN A 250 17.26 -32.82 16.58
N ARG A 251 17.01 -31.80 15.75
CA ARG A 251 16.01 -30.79 16.10
C ARG A 251 14.60 -31.36 16.07
N ALA A 252 14.34 -32.33 15.19
CA ALA A 252 13.01 -32.94 15.12
C ALA A 252 12.66 -33.67 16.41
N ALA A 253 13.61 -34.43 16.96
CA ALA A 253 13.36 -35.17 18.19
C ALA A 253 13.37 -34.29 19.42
N LEU A 254 14.22 -33.25 19.44
CA LEU A 254 14.34 -32.42 20.62
C LEU A 254 13.07 -31.62 20.87
N MET A 255 12.54 -30.96 19.83
CA MET A 255 11.40 -30.08 20.01
C MET A 255 10.13 -30.88 20.31
N VAL A 256 9.89 -31.96 19.56
CA VAL A 256 8.67 -32.73 19.74
C VAL A 256 8.66 -33.38 21.13
N GLY A 257 9.82 -33.83 21.60
CA GLY A 257 9.88 -34.44 22.93
C GLY A 257 9.56 -33.47 24.03
N ILE A 258 10.01 -32.22 23.92
CA ILE A 258 9.75 -31.22 24.95
C ILE A 258 8.26 -30.91 25.01
N LEU A 259 7.60 -30.77 23.85
CA LEU A 259 6.18 -30.44 23.84
C LEU A 259 5.35 -31.54 24.50
N ILE A 260 5.65 -32.80 24.19
CA ILE A 260 4.87 -33.90 24.74
C ILE A 260 5.15 -34.06 26.24
N GLY A 261 6.42 -34.04 26.63
CA GLY A 261 6.78 -34.35 28.00
C GLY A 261 6.20 -33.37 29.00
N VAL A 262 6.26 -32.07 28.68
CA VAL A 262 5.73 -31.06 29.59
C VAL A 262 4.23 -31.23 29.77
N PHE A 263 3.51 -31.44 28.66
CA PHE A 263 2.07 -31.64 28.73
C PHE A 263 1.72 -32.92 29.47
N VAL A 264 2.49 -33.99 29.22
CA VAL A 264 2.22 -35.27 29.86
C VAL A 264 2.45 -35.20 31.37
N LEU A 265 3.59 -34.64 31.79
CA LEU A 265 3.95 -34.70 33.20
C LEU A 265 3.11 -33.77 34.06
N CYS A 266 2.69 -32.63 33.52
CA CYS A 266 2.02 -31.62 34.32
C CYS A 266 0.55 -31.95 34.62
N TRP A 267 -0.03 -32.95 33.97
CA TRP A 267 -1.46 -33.15 34.14
C TRP A 267 -1.86 -34.57 34.51
N ILE A 268 -1.19 -35.59 33.97
CA ILE A 268 -1.62 -36.97 34.22
C ILE A 268 -1.63 -37.35 35.69
N PRO A 269 -0.62 -37.00 36.50
CA PRO A 269 -0.72 -37.36 37.93
C PRO A 269 -1.96 -36.82 38.61
N PHE A 270 -2.45 -35.65 38.19
CA PHE A 270 -3.67 -35.12 38.80
C PHE A 270 -4.91 -35.86 38.32
N PHE A 271 -4.98 -36.18 37.03
CA PHE A 271 -6.20 -36.72 36.44
C PHE A 271 -6.33 -38.23 36.58
N LEU A 272 -5.26 -38.93 36.96
CA LEU A 272 -5.41 -40.34 37.27
C LEU A 272 -6.09 -40.53 38.62
N THR A 273 -5.72 -39.72 39.61
CA THR A 273 -6.31 -39.83 40.94
C THR A 273 -7.79 -39.48 40.92
N GLU A 274 -8.18 -38.47 40.15
CA GLU A 274 -9.57 -38.04 40.12
C GLU A 274 -10.49 -39.09 39.51
N LEU A 275 -9.96 -40.04 38.74
CA LEU A 275 -10.78 -41.10 38.15
C LEU A 275 -10.79 -42.37 38.98
N ILE A 276 -9.99 -42.46 40.03
CA ILE A 276 -9.92 -43.65 40.87
C ILE A 276 -10.62 -43.44 42.20
N SER A 277 -10.44 -42.26 42.81
CA SER A 277 -11.01 -42.02 44.14
C SER A 277 -12.53 -42.12 44.18
N PRO A 278 -13.29 -41.50 43.27
CA PRO A 278 -14.75 -41.71 43.30
C PRO A 278 -15.17 -43.15 43.07
N LEU A 279 -14.44 -43.90 42.25
CA LEU A 279 -14.79 -45.29 41.98
C LEU A 279 -14.33 -46.21 43.09
N CYS A 280 -13.02 -46.22 43.37
CA CYS A 280 -12.47 -47.02 44.44
C CYS A 280 -12.69 -46.30 45.77
N SER A 281 -12.00 -46.73 46.82
CA SER A 281 -12.10 -46.13 48.14
C SER A 281 -10.76 -45.58 48.61
N CYS A 282 -9.88 -45.25 47.68
CA CYS A 282 -8.55 -44.76 48.04
C CYS A 282 -8.65 -43.37 48.67
N ASP A 283 -7.99 -43.20 49.80
CA ASP A 283 -7.94 -41.93 50.52
C ASP A 283 -6.50 -41.42 50.45
N ILE A 284 -6.20 -40.67 49.40
CA ILE A 284 -4.85 -40.12 49.21
C ILE A 284 -4.56 -39.13 50.32
N PRO A 285 -3.37 -39.15 50.92
CA PRO A 285 -3.03 -38.14 51.92
C PRO A 285 -3.11 -36.73 51.34
N ALA A 286 -3.52 -35.79 52.19
CA ALA A 286 -3.73 -34.42 51.73
C ALA A 286 -2.46 -33.76 51.21
N ILE A 287 -1.29 -34.29 51.58
CA ILE A 287 -0.05 -33.72 51.07
C ILE A 287 0.09 -33.99 49.57
N TRP A 288 -0.29 -35.19 49.12
CA TRP A 288 -0.21 -35.50 47.70
C TRP A 288 -1.32 -34.83 46.90
N LYS A 289 -2.46 -34.55 47.53
CA LYS A 289 -3.54 -33.85 46.84
C LYS A 289 -3.16 -32.41 46.50
N SER A 290 -2.13 -31.86 47.13
CA SER A 290 -1.67 -30.50 46.85
C SER A 290 -0.46 -30.44 45.95
N ILE A 291 0.44 -31.42 46.05
CA ILE A 291 1.59 -31.48 45.13
C ILE A 291 1.11 -31.73 43.71
N PHE A 292 0.12 -32.61 43.55
CA PHE A 292 -0.40 -32.93 42.23
C PHE A 292 -1.23 -31.81 41.64
N LEU A 293 -1.66 -30.85 42.46
CA LEU A 293 -2.50 -29.75 41.98
C LEU A 293 -1.66 -28.59 41.45
N TRP A 294 -0.58 -28.24 42.15
CA TRP A 294 0.26 -27.12 41.72
C TRP A 294 1.01 -27.43 40.43
N LEU A 295 1.21 -28.72 40.11
CA LEU A 295 1.83 -29.08 38.84
C LEU A 295 0.96 -28.64 37.66
N GLY A 296 -0.36 -28.82 37.79
CA GLY A 296 -1.25 -28.39 36.73
C GLY A 296 -1.22 -26.90 36.50
N TYR A 297 -1.23 -26.11 37.58
CA TYR A 297 -1.11 -24.67 37.45
C TYR A 297 0.22 -24.27 36.84
N SER A 298 1.25 -25.12 37.02
CA SER A 298 2.58 -24.78 36.53
C SER A 298 2.65 -24.79 35.00
N ASN A 299 1.73 -25.47 34.33
CA ASN A 299 1.80 -25.56 32.85
C ASN A 299 1.58 -24.18 32.21
N SER A 300 0.74 -23.34 32.81
CA SER A 300 0.44 -22.00 32.25
C SER A 300 1.71 -21.16 32.24
N PHE A 301 2.79 -21.68 32.82
CA PHE A 301 4.07 -20.92 32.88
C PHE A 301 4.99 -21.37 31.74
N PHE A 302 5.03 -22.67 31.45
CA PHE A 302 5.85 -23.12 30.33
C PHE A 302 5.19 -22.92 28.98
N ASN A 303 3.89 -22.61 28.97
CA ASN A 303 3.18 -22.34 27.70
C ASN A 303 3.95 -21.25 26.92
N PRO A 304 4.24 -20.02 27.41
CA PRO A 304 5.03 -19.09 26.61
C PRO A 304 6.51 -19.51 26.45
N LEU A 305 6.97 -20.54 27.14
CA LEU A 305 8.40 -20.94 27.06
C LEU A 305 8.60 -21.88 25.88
N ILE A 306 7.51 -22.21 25.17
CA ILE A 306 7.55 -23.14 24.06
C ILE A 306 7.06 -22.49 22.77
N TYR A 307 5.87 -21.89 22.80
CA TYR A 307 5.23 -21.39 21.59
C TYR A 307 5.63 -19.97 21.24
N THR A 308 6.35 -19.27 22.11
CA THR A 308 6.79 -17.91 21.82
C THR A 308 8.27 -17.64 22.11
N ALA A 309 8.90 -18.39 23.02
CA ALA A 309 10.27 -18.08 23.40
C ALA A 309 11.27 -18.52 22.33
N PHE A 310 11.00 -19.63 21.65
CA PHE A 310 11.94 -20.21 20.69
C PHE A 310 11.61 -19.84 19.25
N ASN A 311 11.05 -18.64 19.04
CA ASN A 311 10.69 -18.17 17.71
C ASN A 311 11.54 -16.96 17.36
N LYS A 312 12.12 -16.98 16.16
CA LYS A 312 12.99 -15.88 15.74
C LYS A 312 12.20 -14.57 15.61
N ASN A 313 10.99 -14.64 15.05
CA ASN A 313 10.22 -13.43 14.85
C ASN A 313 9.76 -12.82 16.17
N TYR A 314 9.56 -13.64 17.20
CA TYR A 314 9.14 -13.12 18.49
C TYR A 314 10.29 -12.46 19.26
N ASN A 315 11.52 -12.93 19.04
CA ASN A 315 12.66 -12.38 19.77
C ASN A 315 12.90 -10.92 19.41
N SER A 316 12.71 -10.56 18.14
CA SER A 316 12.98 -9.20 17.69
C SER A 316 12.08 -8.19 18.40
N ALA A 317 10.80 -8.52 18.54
CA ALA A 317 9.88 -7.62 19.23
C ALA A 317 10.21 -7.51 20.72
N PHE A 318 10.67 -8.60 21.33
CA PHE A 318 11.01 -8.57 22.76
C PHE A 318 12.19 -7.64 23.02
N LYS A 319 13.20 -7.67 22.14
CA LYS A 319 14.38 -6.81 22.35
C LYS A 319 14.03 -5.34 22.23
N ASN A 320 13.10 -5.00 21.33
CA ASN A 320 12.71 -3.60 21.14
C ASN A 320 12.09 -3.04 22.42
N PHE A 321 11.24 -3.82 23.08
CA PHE A 321 10.61 -3.37 24.31
C PHE A 321 11.40 -3.83 25.53
N LEU B 2 -21.57 17.87 8.36
CA LEU B 2 -21.25 17.61 6.96
C LEU B 2 -22.38 18.07 6.05
N SER B 3 -22.01 18.61 4.88
CA SER B 3 -23.01 19.08 3.94
C SER B 3 -23.55 17.94 3.10
N ALA B 4 -24.59 18.24 2.33
CA ALA B 4 -25.21 17.21 1.49
C ALA B 4 -24.24 16.68 0.45
N GLU B 5 -23.46 17.58 -0.16
CA GLU B 5 -22.45 17.15 -1.13
C GLU B 5 -21.28 16.44 -0.47
N ASP B 6 -21.04 16.70 0.81
CA ASP B 6 -19.96 16.01 1.52
C ASP B 6 -20.34 14.56 1.82
N LYS B 7 -21.59 14.31 2.21
CA LYS B 7 -22.03 12.95 2.46
C LYS B 7 -22.02 12.11 1.20
N ALA B 8 -22.22 12.73 0.03
CA ALA B 8 -22.15 12.01 -1.22
C ALA B 8 -20.72 11.69 -1.63
N ALA B 9 -19.73 12.42 -1.11
CA ALA B 9 -18.35 12.13 -1.42
C ALA B 9 -17.83 10.92 -0.66
N VAL B 10 -18.26 10.75 0.59
CA VAL B 10 -17.77 9.62 1.39
C VAL B 10 -18.34 8.30 0.89
N GLU B 11 -19.55 8.31 0.33
CA GLU B 11 -20.11 7.09 -0.23
C GLU B 11 -19.33 6.62 -1.45
N ARG B 12 -18.86 7.57 -2.27
CA ARG B 12 -18.03 7.19 -3.42
C ARG B 12 -16.73 6.55 -2.97
N SER B 13 -16.14 7.06 -1.88
CA SER B 13 -14.89 6.50 -1.38
C SER B 13 -15.07 5.07 -0.88
N LYS B 14 -16.19 4.78 -0.22
CA LYS B 14 -16.41 3.44 0.32
C LYS B 14 -16.59 2.41 -0.80
N MET B 15 -17.25 2.80 -1.89
CA MET B 15 -17.39 1.87 -3.01
C MET B 15 -16.06 1.59 -3.69
N ILE B 16 -15.15 2.58 -3.71
CA ILE B 16 -13.82 2.36 -4.27
C ILE B 16 -13.06 1.35 -3.42
N GLU B 17 -13.18 1.44 -2.11
CA GLU B 17 -12.42 0.54 -1.19
C GLU B 17 -12.94 -0.89 -1.31
N LYS B 18 -14.21 -1.06 -1.65
CA LYS B 18 -14.75 -2.40 -1.85
C LYS B 18 -14.14 -3.06 -3.08
N ASN B 19 -13.96 -2.30 -4.17
CA ASN B 19 -13.39 -2.87 -5.38
C ASN B 19 -11.94 -3.27 -5.18
N LEU B 20 -11.17 -2.46 -4.44
CA LEU B 20 -9.77 -2.80 -4.18
C LEU B 20 -9.65 -4.09 -3.38
N LYS B 21 -10.51 -4.27 -2.38
CA LYS B 21 -10.45 -5.48 -1.56
C LYS B 21 -10.75 -6.72 -2.38
N GLU B 22 -11.72 -6.64 -3.30
CA GLU B 22 -12.06 -7.77 -4.14
C GLU B 22 -10.91 -8.14 -5.07
N ASP B 23 -10.22 -7.13 -5.61
CA ASP B 23 -9.10 -7.39 -6.52
C ASP B 23 -7.93 -8.04 -5.78
N GLY B 24 -7.72 -7.69 -4.51
CA GLY B 24 -6.62 -8.26 -3.77
C GLY B 24 -6.79 -9.74 -3.51
N ILE B 25 -8.03 -10.19 -3.25
CA ILE B 25 -8.27 -11.60 -2.96
C ILE B 25 -7.95 -12.46 -4.17
N SER B 26 -8.38 -12.01 -5.36
CA SER B 26 -8.10 -12.79 -6.57
C SER B 26 -6.60 -12.89 -6.84
N ALA B 27 -5.86 -11.80 -6.62
CA ALA B 27 -4.43 -11.80 -6.89
C ALA B 27 -3.63 -12.56 -5.84
N ALA B 28 -4.18 -12.75 -4.65
CA ALA B 28 -3.42 -13.42 -3.59
C ALA B 28 -3.24 -14.91 -3.87
N LYS B 29 -4.18 -15.53 -4.58
CA LYS B 29 -4.12 -16.96 -4.86
C LYS B 29 -3.40 -17.24 -6.19
N ASP B 30 -2.19 -16.74 -6.33
CA ASP B 30 -1.38 -16.93 -7.53
C ASP B 30 0.04 -17.34 -7.13
N VAL B 31 0.71 -18.02 -8.04
CA VAL B 31 2.10 -18.44 -7.85
C VAL B 31 2.94 -17.68 -8.87
N LYS B 32 3.95 -16.97 -8.36
CA LYS B 32 4.81 -16.13 -9.18
C LYS B 32 6.22 -16.69 -9.21
N LEU B 33 6.81 -16.77 -10.39
CA LEU B 33 8.12 -17.36 -10.59
C LEU B 33 8.98 -16.44 -11.46
N LEU B 34 10.29 -16.48 -11.22
CA LEU B 34 11.25 -15.69 -11.97
C LEU B 34 12.06 -16.60 -12.87
N LEU B 35 12.12 -16.26 -14.16
CA LEU B 35 12.79 -17.07 -15.17
C LEU B 35 14.09 -16.38 -15.57
N LEU B 36 15.21 -17.09 -15.43
CA LEU B 36 16.52 -16.53 -15.67
C LEU B 36 17.36 -17.49 -16.51
N GLY B 37 18.38 -16.94 -17.14
CA GLY B 37 19.26 -17.73 -17.97
C GLY B 37 19.94 -16.86 -19.01
N ALA B 38 20.75 -17.53 -19.83
CA ALA B 38 21.46 -16.86 -20.91
C ALA B 38 20.63 -16.91 -22.19
N ASP B 39 21.17 -16.30 -23.25
CA ASP B 39 20.47 -16.25 -24.52
C ASP B 39 20.49 -17.60 -25.22
N ASN B 40 19.37 -17.95 -25.85
CA ASN B 40 19.22 -19.22 -26.57
C ASN B 40 19.54 -20.42 -25.69
N SER B 41 18.78 -20.56 -24.61
CA SER B 41 18.96 -21.64 -23.65
C SER B 41 17.70 -22.45 -23.37
N GLY B 42 16.53 -21.96 -23.73
CA GLY B 42 15.30 -22.72 -23.52
C GLY B 42 14.29 -22.03 -22.63
N LYS B 43 14.51 -20.75 -22.35
CA LYS B 43 13.56 -20.01 -21.51
C LYS B 43 12.20 -19.88 -22.18
N SER B 44 12.18 -19.62 -23.49
CA SER B 44 10.93 -19.30 -24.18
C SER B 44 10.03 -20.51 -24.35
N THR B 45 10.57 -21.72 -24.35
CA THR B 45 9.81 -22.94 -24.62
C THR B 45 9.98 -23.94 -23.50
N ILE B 46 9.81 -23.48 -22.26
CA ILE B 46 10.00 -24.36 -21.10
C ILE B 46 8.74 -25.16 -20.79
N VAL B 47 7.56 -24.62 -21.10
CA VAL B 47 6.28 -25.32 -20.91
C VAL B 47 5.51 -25.26 -22.21
N LYS B 48 5.04 -26.42 -22.69
CA LYS B 48 4.37 -26.47 -23.98
C LYS B 48 3.03 -25.74 -23.95
N GLN B 49 2.28 -25.86 -22.85
CA GLN B 49 0.96 -25.27 -22.74
C GLN B 49 1.00 -23.84 -22.21
N MET B 50 2.10 -23.13 -22.41
CA MET B 50 2.31 -21.82 -21.82
C MET B 50 1.92 -20.74 -22.84
N LYS B 51 0.99 -19.87 -22.43
CA LYS B 51 0.49 -18.79 -23.28
C LYS B 51 1.07 -17.45 -22.82
N ILE B 52 1.01 -16.47 -23.71
CA ILE B 52 1.57 -15.15 -23.47
C ILE B 52 0.43 -14.16 -23.31
N ILE B 53 0.45 -13.42 -22.20
CA ILE B 53 -0.56 -12.41 -21.92
C ILE B 53 0.07 -11.23 -21.18
N THR B 64 12.94 -4.74 -25.78
CA THR B 64 11.64 -4.77 -25.11
C THR B 64 11.81 -4.63 -23.60
N GLY B 65 10.72 -4.82 -22.87
CA GLY B 65 10.73 -4.68 -21.43
C GLY B 65 10.74 -6.01 -20.70
N ILE B 66 9.59 -6.43 -20.20
CA ILE B 66 9.45 -7.67 -19.47
C ILE B 66 8.36 -8.51 -20.12
N VAL B 67 8.64 -9.78 -20.34
CA VAL B 67 7.71 -10.71 -20.98
C VAL B 67 7.08 -11.59 -19.89
N GLU B 68 5.76 -11.65 -19.87
CA GLU B 68 5.02 -12.41 -18.88
C GLU B 68 4.19 -13.48 -19.57
N THR B 69 4.31 -14.72 -19.08
CA THR B 69 3.54 -15.85 -19.58
C THR B 69 2.89 -16.57 -18.41
N HIS B 70 1.72 -17.16 -18.67
CA HIS B 70 0.95 -17.82 -17.63
C HIS B 70 0.34 -19.10 -18.15
N PHE B 71 0.05 -20.01 -17.21
CA PHE B 71 -0.64 -21.26 -17.51
C PHE B 71 -1.30 -21.76 -16.25
N THR B 72 -2.28 -22.66 -16.42
CA THR B 72 -3.02 -23.22 -15.31
C THR B 72 -2.83 -24.73 -15.27
N PHE B 73 -2.39 -25.23 -14.12
CA PHE B 73 -2.19 -26.66 -13.91
C PHE B 73 -2.90 -27.07 -12.62
N LYS B 74 -3.55 -28.23 -12.67
CA LYS B 74 -4.40 -28.69 -11.58
C LYS B 74 -5.44 -27.63 -11.26
N ASN B 75 -5.35 -27.05 -10.06
CA ASN B 75 -6.26 -25.99 -9.64
C ASN B 75 -5.49 -24.74 -9.20
N LEU B 76 -4.32 -24.51 -9.78
CA LEU B 76 -3.48 -23.38 -9.43
C LEU B 76 -3.15 -22.57 -10.67
N HIS B 77 -2.97 -21.27 -10.48
CA HIS B 77 -2.60 -20.35 -11.54
C HIS B 77 -1.13 -19.97 -11.39
N PHE B 78 -0.37 -20.09 -12.48
CA PHE B 78 1.06 -19.85 -12.47
C PHE B 78 1.39 -18.64 -13.33
N ARG B 79 2.29 -17.79 -12.84
CA ARG B 79 2.73 -16.60 -13.55
C ARG B 79 4.25 -16.61 -13.64
N LEU B 80 4.77 -16.52 -14.87
CA LEU B 80 6.20 -16.59 -15.13
C LEU B 80 6.67 -15.29 -15.76
N PHE B 81 7.76 -14.74 -15.24
CA PHE B 81 8.29 -13.46 -15.72
C PHE B 81 9.69 -13.66 -16.28
N ASP B 82 9.89 -13.23 -17.52
CA ASP B 82 11.18 -13.31 -18.19
C ASP B 82 11.70 -11.88 -18.39
N VAL B 83 12.89 -11.62 -17.87
CA VAL B 83 13.51 -10.30 -17.97
C VAL B 83 14.92 -10.50 -18.56
N GLY B 84 14.99 -10.48 -19.88
CA GLY B 84 16.26 -10.63 -20.57
C GLY B 84 16.52 -9.48 -21.52
N GLY B 85 15.46 -8.73 -21.84
CA GLY B 85 15.60 -7.54 -22.64
C GLY B 85 16.12 -6.33 -21.90
N GLN B 86 16.25 -6.42 -20.58
CA GLN B 86 16.79 -5.34 -19.76
C GLN B 86 18.30 -5.46 -19.75
N ARG B 87 18.93 -4.90 -20.79
CA ARG B 87 20.37 -4.90 -20.90
C ARG B 87 20.99 -3.77 -20.08
N SER B 88 20.62 -3.69 -18.81
CA SER B 88 21.09 -2.63 -17.93
C SER B 88 21.62 -3.21 -16.63
N GLU B 89 21.89 -2.35 -15.65
CA GLU B 89 22.37 -2.83 -14.36
C GLU B 89 21.24 -3.47 -13.57
N ARG B 90 21.46 -4.70 -13.13
CA ARG B 90 20.42 -5.45 -12.43
C ARG B 90 20.21 -4.98 -11.00
N LYS B 91 21.22 -4.36 -10.38
CA LYS B 91 21.13 -4.01 -8.97
C LYS B 91 20.09 -2.95 -8.68
N LYS B 92 19.58 -2.25 -9.70
CA LYS B 92 18.64 -1.16 -9.49
C LYS B 92 17.18 -1.58 -9.67
N TRP B 93 16.92 -2.80 -10.15
CA TRP B 93 15.54 -3.26 -10.31
C TRP B 93 15.34 -4.71 -9.88
N ILE B 94 16.32 -5.34 -9.24
CA ILE B 94 16.19 -6.74 -8.86
C ILE B 94 15.34 -6.90 -7.60
N HIS B 95 15.16 -5.84 -6.82
CA HIS B 95 14.38 -5.95 -5.59
C HIS B 95 12.88 -5.94 -5.83
N CYS B 96 12.44 -5.68 -7.06
CA CYS B 96 11.01 -5.77 -7.37
C CYS B 96 10.51 -7.20 -7.23
N PHE B 97 11.31 -8.18 -7.66
CA PHE B 97 10.96 -9.60 -7.59
C PHE B 97 11.47 -10.23 -6.31
N GLU B 98 11.18 -9.61 -5.17
CA GLU B 98 11.68 -10.10 -3.89
C GLU B 98 10.74 -11.09 -3.22
N ASP B 99 9.44 -11.00 -3.50
CA ASP B 99 8.44 -11.86 -2.87
C ASP B 99 8.04 -13.03 -3.76
N VAL B 100 8.89 -13.43 -4.71
CA VAL B 100 8.55 -14.56 -5.56
C VAL B 100 8.71 -15.86 -4.80
N THR B 101 8.03 -16.90 -5.30
CA THR B 101 8.07 -18.20 -4.64
C THR B 101 9.40 -18.91 -4.89
N ALA B 102 9.91 -18.84 -6.11
CA ALA B 102 11.12 -19.57 -6.47
C ALA B 102 11.72 -18.94 -7.73
N ILE B 103 12.88 -19.48 -8.13
CA ILE B 103 13.61 -19.03 -9.31
C ILE B 103 13.88 -20.23 -10.20
N ILE B 104 13.66 -20.06 -11.50
CA ILE B 104 13.92 -21.11 -12.49
C ILE B 104 15.11 -20.66 -13.33
N PHE B 105 16.15 -21.50 -13.37
CA PHE B 105 17.39 -21.21 -14.09
C PHE B 105 17.60 -22.27 -15.17
N CYS B 106 17.84 -21.82 -16.40
CA CYS B 106 18.01 -22.70 -17.55
C CYS B 106 19.42 -22.56 -18.11
N VAL B 107 20.05 -23.69 -18.40
CA VAL B 107 21.40 -23.71 -18.96
C VAL B 107 21.43 -24.69 -20.12
N ASP B 108 22.34 -24.47 -21.06
CA ASP B 108 22.47 -25.28 -22.25
C ASP B 108 23.75 -26.10 -22.15
N LEU B 109 23.63 -27.42 -22.22
CA LEU B 109 24.79 -28.29 -22.09
C LEU B 109 25.63 -28.32 -23.36
N SER B 110 25.02 -28.09 -24.52
CA SER B 110 25.75 -28.19 -25.78
C SER B 110 26.69 -27.01 -25.98
N ASP B 111 26.24 -25.79 -25.65
CA ASP B 111 27.03 -24.59 -25.88
C ASP B 111 28.23 -24.59 -24.94
N TYR B 112 29.42 -24.85 -25.48
CA TYR B 112 30.64 -24.83 -24.69
C TYR B 112 31.11 -23.44 -24.36
N ASN B 113 30.62 -22.42 -25.08
CA ASN B 113 31.03 -21.04 -24.87
C ASN B 113 30.10 -20.28 -23.94
N ARG B 114 28.83 -20.67 -23.85
CA ARG B 114 27.92 -20.03 -22.91
C ARG B 114 28.26 -20.33 -21.46
N MET B 115 28.91 -21.46 -21.19
CA MET B 115 29.37 -21.74 -19.85
C MET B 115 30.53 -20.81 -19.48
N HIS B 116 30.77 -20.70 -18.17
CA HIS B 116 31.60 -19.69 -17.53
C HIS B 116 30.99 -18.31 -17.62
N GLU B 117 29.88 -18.16 -18.34
CA GLU B 117 28.98 -17.01 -18.24
C GLU B 117 27.69 -17.36 -17.53
N SER B 118 27.16 -18.57 -17.78
CA SER B 118 26.04 -19.05 -17.00
C SER B 118 26.43 -19.31 -15.56
N LEU B 119 27.64 -19.86 -15.33
CA LEU B 119 28.11 -20.08 -13.98
C LEU B 119 28.28 -18.76 -13.22
N MET B 120 28.85 -17.75 -13.88
CA MET B 120 29.05 -16.46 -13.23
C MET B 120 27.73 -15.82 -12.87
N LEU B 121 26.75 -15.89 -13.77
CA LEU B 121 25.44 -15.31 -13.49
C LEU B 121 24.72 -16.10 -12.40
N PHE B 122 24.94 -17.42 -12.35
CA PHE B 122 24.35 -18.23 -11.28
C PHE B 122 24.88 -17.81 -9.92
N ASP B 123 26.17 -17.52 -9.82
CA ASP B 123 26.77 -17.12 -8.55
C ASP B 123 26.21 -15.78 -8.07
N SER B 124 25.88 -14.88 -8.99
CA SER B 124 25.40 -13.55 -8.60
C SER B 124 24.01 -13.63 -7.98
N ILE B 125 23.08 -14.34 -8.63
CA ILE B 125 21.71 -14.42 -8.11
C ILE B 125 21.66 -15.26 -6.83
N CYS B 126 22.43 -16.35 -6.79
CA CYS B 126 22.36 -17.27 -5.66
C CYS B 126 22.90 -16.66 -4.38
N ASN B 127 23.73 -15.62 -4.47
CA ASN B 127 24.30 -14.96 -3.30
C ASN B 127 23.84 -13.51 -3.18
N ASN B 128 22.71 -13.17 -3.78
CA ASN B 128 22.16 -11.82 -3.67
C ASN B 128 21.56 -11.60 -2.28
N LYS B 129 21.50 -10.33 -1.88
CA LYS B 129 20.99 -10.00 -0.56
C LYS B 129 19.49 -10.21 -0.45
N PHE B 130 18.75 -9.99 -1.54
CA PHE B 130 17.30 -10.12 -1.53
C PHE B 130 16.82 -11.54 -1.76
N PHE B 131 17.73 -12.48 -1.99
CA PHE B 131 17.39 -13.87 -2.28
C PHE B 131 18.14 -14.81 -1.35
N ILE B 132 18.17 -14.48 -0.06
CA ILE B 132 18.87 -15.31 0.91
C ILE B 132 18.16 -16.63 1.11
N ASP B 133 16.83 -16.63 1.09
CA ASP B 133 16.03 -17.81 1.40
C ASP B 133 15.05 -18.11 0.27
N THR B 134 15.53 -18.10 -0.96
CA THR B 134 14.71 -18.41 -2.13
C THR B 134 15.30 -19.62 -2.84
N SER B 135 14.47 -20.64 -3.04
CA SER B 135 14.91 -21.88 -3.67
C SER B 135 15.04 -21.70 -5.17
N ILE B 136 15.81 -22.60 -5.78
CA ILE B 136 16.11 -22.55 -7.22
C ILE B 136 15.76 -23.90 -7.83
N ILE B 137 15.00 -23.87 -8.92
CA ILE B 137 14.75 -25.05 -9.74
C ILE B 137 15.66 -24.95 -10.96
N LEU B 138 16.49 -25.96 -11.16
CA LEU B 138 17.53 -25.95 -12.19
C LEU B 138 17.14 -26.87 -13.34
N PHE B 139 17.27 -26.37 -14.56
CA PHE B 139 16.96 -27.14 -15.76
C PHE B 139 18.21 -27.28 -16.61
N LEU B 140 18.54 -28.52 -16.96
CA LEU B 140 19.66 -28.83 -17.85
C LEU B 140 19.08 -29.30 -19.18
N ASN B 141 19.21 -28.48 -20.20
CA ASN B 141 18.55 -28.71 -21.48
C ASN B 141 19.49 -29.34 -22.50
N LYS B 142 18.89 -29.90 -23.55
CA LYS B 142 19.60 -30.46 -24.70
C LYS B 142 20.52 -31.61 -24.29
N LYS B 143 19.92 -32.61 -23.65
CA LYS B 143 20.65 -33.82 -23.29
C LYS B 143 20.87 -34.74 -24.47
N ASP B 144 20.05 -34.63 -25.51
CA ASP B 144 20.25 -35.48 -26.69
C ASP B 144 21.42 -34.99 -27.53
N LEU B 145 21.62 -33.68 -27.61
CA LEU B 145 22.76 -33.13 -28.34
C LEU B 145 24.06 -33.28 -27.55
N PHE B 146 24.00 -33.20 -26.22
CA PHE B 146 25.20 -33.33 -25.41
C PHE B 146 25.80 -34.72 -25.53
N GLY B 147 24.96 -35.76 -25.59
CA GLY B 147 25.45 -37.11 -25.76
C GLY B 147 25.90 -37.42 -27.17
N GLU B 148 25.65 -36.53 -28.12
CA GLU B 148 26.11 -36.69 -29.50
C GLU B 148 27.22 -35.72 -29.84
N LYS B 149 27.85 -35.11 -28.84
CA LYS B 149 28.92 -34.14 -29.06
C LYS B 149 30.13 -34.46 -28.20
N ILE B 150 29.91 -35.15 -27.07
CA ILE B 150 30.98 -35.42 -26.14
C ILE B 150 32.05 -36.31 -26.78
N LYS B 151 31.64 -37.19 -27.69
CA LYS B 151 32.62 -38.04 -28.38
C LYS B 151 33.58 -37.21 -29.22
N LYS B 152 33.06 -36.21 -29.94
CA LYS B 152 33.92 -35.35 -30.74
C LYS B 152 34.70 -34.37 -29.88
N SER B 153 34.03 -33.77 -28.89
CA SER B 153 34.67 -32.80 -27.99
C SER B 153 34.72 -33.38 -26.58
N PRO B 154 35.89 -33.84 -26.12
CA PRO B 154 35.94 -34.52 -24.81
C PRO B 154 35.92 -33.58 -23.63
N LEU B 155 35.03 -32.58 -23.65
CA LEU B 155 34.77 -31.68 -22.53
C LEU B 155 36.00 -30.90 -22.09
N THR B 156 37.11 -31.04 -22.80
CA THR B 156 38.32 -30.32 -22.42
C THR B 156 38.26 -28.85 -22.79
N ILE B 157 37.40 -28.48 -23.74
CA ILE B 157 37.30 -27.07 -24.14
C ILE B 157 36.68 -26.24 -23.02
N CYS B 158 35.57 -26.71 -22.46
CA CYS B 158 34.90 -25.96 -21.40
C CYS B 158 35.64 -26.08 -20.07
N PHE B 159 36.11 -27.27 -19.74
CA PHE B 159 36.79 -27.54 -18.46
C PHE B 159 38.17 -28.12 -18.74
N PRO B 160 39.20 -27.28 -18.87
CA PRO B 160 40.56 -27.81 -19.04
C PRO B 160 41.04 -28.63 -17.86
N GLU B 161 40.62 -28.30 -16.65
CA GLU B 161 41.06 -29.01 -15.45
C GLU B 161 40.09 -30.13 -15.08
N TYR B 162 39.83 -31.03 -16.02
CA TYR B 162 38.91 -32.14 -15.83
C TYR B 162 39.62 -33.44 -16.13
N THR B 163 39.65 -34.35 -15.15
CA THR B 163 40.20 -35.68 -15.33
C THR B 163 39.14 -36.69 -14.92
N GLY B 164 38.85 -37.63 -15.82
CA GLY B 164 37.83 -38.64 -15.58
C GLY B 164 37.37 -39.30 -16.85
N PRO B 165 36.43 -40.22 -16.74
CA PRO B 165 35.94 -40.92 -17.93
C PRO B 165 35.21 -40.00 -18.88
N ASN B 166 35.27 -40.34 -20.17
CA ASN B 166 34.59 -39.59 -21.22
C ASN B 166 33.15 -40.06 -21.44
N THR B 167 32.57 -40.75 -20.46
CA THR B 167 31.19 -41.21 -20.59
C THR B 167 30.21 -40.05 -20.40
N TYR B 168 29.03 -40.19 -21.01
CA TYR B 168 28.03 -39.14 -20.91
C TYR B 168 27.52 -38.98 -19.49
N GLU B 169 27.34 -40.09 -18.76
CA GLU B 169 26.81 -40.02 -17.41
C GLU B 169 27.78 -39.30 -16.48
N ASP B 170 29.08 -39.54 -16.63
CA ASP B 170 30.06 -38.88 -15.79
C ASP B 170 30.15 -37.39 -16.09
N ALA B 171 30.01 -37.01 -17.36
CA ALA B 171 30.04 -35.61 -17.73
C ALA B 171 28.86 -34.85 -17.12
N ALA B 172 27.68 -35.47 -17.12
CA ALA B 172 26.50 -34.82 -16.55
C ALA B 172 26.66 -34.61 -15.05
N ALA B 173 27.21 -35.60 -14.34
CA ALA B 173 27.41 -35.45 -12.90
C ALA B 173 28.45 -34.40 -12.57
N TYR B 174 29.42 -34.18 -13.45
CA TYR B 174 30.44 -33.17 -13.20
C TYR B 174 29.88 -31.77 -13.40
N ILE B 175 29.09 -31.55 -14.45
CA ILE B 175 28.53 -30.24 -14.71
C ILE B 175 27.58 -29.82 -13.61
N GLN B 176 26.73 -30.75 -13.15
CA GLN B 176 25.77 -30.43 -12.10
C GLN B 176 26.46 -30.08 -10.80
N ALA B 177 27.54 -30.79 -10.46
CA ALA B 177 28.25 -30.52 -9.22
C ALA B 177 28.90 -29.15 -9.22
N GLN B 178 29.30 -28.65 -10.40
CA GLN B 178 29.89 -27.32 -10.49
C GLN B 178 28.86 -26.24 -10.15
N PHE B 179 27.62 -26.42 -10.60
CA PHE B 179 26.58 -25.44 -10.29
C PHE B 179 26.19 -25.48 -8.82
N GLU B 180 26.21 -26.67 -8.21
CA GLU B 180 25.84 -26.81 -6.80
C GLU B 180 26.91 -26.26 -5.87
N SER B 181 28.13 -26.07 -6.35
CA SER B 181 29.22 -25.59 -5.50
C SER B 181 29.09 -24.11 -5.15
N LYS B 182 28.17 -23.38 -5.79
CA LYS B 182 28.01 -21.96 -5.57
C LYS B 182 27.03 -21.63 -4.45
N ASN B 183 26.45 -22.64 -3.80
CA ASN B 183 25.48 -22.43 -2.74
C ASN B 183 26.19 -22.43 -1.39
N ARG B 184 26.07 -21.32 -0.65
CA ARG B 184 26.59 -21.21 0.71
C ARG B 184 25.46 -20.65 1.57
N SER B 185 24.57 -21.54 2.03
CA SER B 185 23.41 -21.16 2.82
C SER B 185 22.73 -22.39 3.41
N PRO B 186 22.20 -22.31 4.62
CA PRO B 186 21.55 -23.48 5.24
C PRO B 186 20.05 -23.57 5.04
N ASN B 187 19.41 -22.54 4.50
CA ASN B 187 17.96 -22.51 4.30
C ASN B 187 17.61 -22.38 2.82
N LYS B 188 18.38 -23.04 1.97
CA LYS B 188 18.19 -22.97 0.53
C LYS B 188 18.45 -24.34 -0.07
N GLU B 189 17.62 -24.73 -1.03
CA GLU B 189 17.76 -26.01 -1.71
C GLU B 189 17.62 -25.82 -3.22
N ILE B 190 18.25 -26.71 -3.97
CA ILE B 190 18.24 -26.68 -5.43
C ILE B 190 17.68 -28.00 -5.94
N TYR B 191 16.72 -27.92 -6.85
CA TYR B 191 16.12 -29.08 -7.49
C TYR B 191 16.63 -29.17 -8.92
N CYS B 192 17.24 -30.30 -9.27
CA CYS B 192 17.83 -30.50 -10.57
C CYS B 192 17.01 -31.49 -11.39
N HIS B 193 16.96 -31.25 -12.70
CA HIS B 193 16.21 -32.11 -13.60
C HIS B 193 16.79 -31.96 -15.00
N MET B 194 16.98 -33.08 -15.68
CA MET B 194 17.52 -33.11 -17.04
C MET B 194 16.39 -33.38 -18.02
N THR B 195 16.25 -32.53 -19.03
CA THR B 195 15.16 -32.61 -19.98
C THR B 195 15.69 -32.44 -21.40
N CYS B 196 14.94 -32.98 -22.34
CA CYS B 196 15.25 -32.89 -23.76
C CYS B 196 14.22 -32.01 -24.47
N ALA B 197 14.39 -31.86 -25.78
CA ALA B 197 13.48 -31.02 -26.55
C ALA B 197 12.12 -31.67 -26.73
N THR B 198 12.09 -33.00 -26.87
CA THR B 198 10.85 -33.72 -27.11
C THR B 198 10.09 -34.05 -25.83
N ASP B 199 10.65 -33.71 -24.66
CA ASP B 199 9.95 -33.97 -23.41
C ASP B 199 8.76 -33.04 -23.25
N THR B 200 7.67 -33.58 -22.71
CA THR B 200 6.45 -32.81 -22.51
C THR B 200 5.91 -33.08 -21.11
N ASN B 201 6.82 -33.19 -20.13
CA ASN B 201 6.47 -33.33 -18.72
C ASN B 201 7.32 -32.35 -17.92
N ASN B 202 6.83 -31.11 -17.83
CA ASN B 202 7.51 -30.07 -17.07
C ASN B 202 6.60 -29.27 -16.16
N ALA B 203 5.30 -29.24 -16.41
CA ALA B 203 4.37 -28.60 -15.47
C ALA B 203 4.27 -29.40 -14.17
N GLN B 204 4.39 -30.73 -14.25
CA GLN B 204 4.33 -31.53 -13.03
C GLN B 204 5.62 -31.42 -12.23
N VAL B 205 6.76 -31.22 -12.89
CA VAL B 205 8.02 -31.06 -12.18
C VAL B 205 7.99 -29.78 -11.35
N ILE B 206 7.44 -28.70 -11.90
CA ILE B 206 7.31 -27.46 -11.15
C ILE B 206 6.30 -27.63 -10.02
N PHE B 207 5.23 -28.39 -10.26
CA PHE B 207 4.22 -28.60 -9.23
C PHE B 207 4.81 -29.31 -8.02
N ASP B 208 5.65 -30.32 -8.24
CA ASP B 208 6.27 -31.03 -7.13
C ASP B 208 7.26 -30.15 -6.38
N ALA B 209 8.04 -29.37 -7.11
CA ALA B 209 9.04 -28.51 -6.47
C ALA B 209 8.37 -27.45 -5.60
N VAL B 210 7.31 -26.82 -6.08
CA VAL B 210 6.62 -25.80 -5.31
C VAL B 210 5.94 -26.43 -4.09
N THR B 211 5.39 -27.65 -4.25
CA THR B 211 4.73 -28.31 -3.13
C THR B 211 5.70 -28.58 -1.99
N ASP B 212 6.92 -29.02 -2.31
CA ASP B 212 7.92 -29.27 -1.27
C ASP B 212 8.45 -27.99 -0.64
N ILE B 213 8.40 -26.87 -1.35
CA ILE B 213 8.89 -25.61 -0.79
C ILE B 213 7.96 -25.11 0.31
N ILE B 214 6.66 -25.18 0.08
CA ILE B 214 5.70 -24.70 1.08
C ILE B 214 5.73 -25.57 2.32
N ILE B 215 5.92 -26.87 2.15
CA ILE B 215 5.99 -27.78 3.30
C ILE B 215 7.18 -27.40 4.18
N ALA B 216 8.33 -27.13 3.59
CA ALA B 216 9.49 -26.71 4.36
C ALA B 216 9.24 -25.36 5.03
N ASN B 217 8.58 -24.44 4.33
CA ASN B 217 8.28 -23.14 4.91
C ASN B 217 7.37 -23.26 6.12
N ASN B 218 6.36 -24.14 6.04
CA ASN B 218 5.46 -24.34 7.18
C ASN B 218 6.19 -25.04 8.33
N LEU B 219 7.10 -25.96 8.01
CA LEU B 219 7.90 -26.60 9.06
C LEU B 219 8.79 -25.59 9.77
N ARG B 220 9.38 -24.66 9.01
CA ARG B 220 10.24 -23.64 9.63
C ARG B 220 9.45 -22.77 10.60
N GLY B 221 8.22 -22.42 10.23
CA GLY B 221 7.39 -21.64 11.14
C GLY B 221 7.10 -22.36 12.44
N CYS B 222 6.82 -23.66 12.36
CA CYS B 222 6.64 -24.46 13.57
C CYS B 222 7.92 -24.51 14.40
N GLY B 223 9.06 -24.66 13.74
CA GLY B 223 10.35 -24.70 14.42
C GLY B 223 11.07 -26.02 14.37
N LEU B 224 10.51 -27.03 13.68
CA LEU B 224 11.16 -28.33 13.62
C LEU B 224 12.41 -28.28 12.74
N TYR B 225 12.31 -27.65 11.57
CA TYR B 225 13.45 -27.58 10.66
C TYR B 225 14.17 -26.24 10.80
N GLU C 2 47.60 9.26 -33.23
CA GLU C 2 46.88 10.47 -32.86
C GLU C 2 45.99 10.23 -31.64
N LEU C 3 45.74 8.96 -31.33
CA LEU C 3 44.95 8.62 -30.16
C LEU C 3 45.66 9.05 -28.87
N ASP C 4 46.97 8.85 -28.81
CA ASP C 4 47.72 9.25 -27.62
C ASP C 4 47.70 10.76 -27.44
N GLN C 5 47.83 11.51 -28.53
CA GLN C 5 47.80 12.97 -28.43
C GLN C 5 46.45 13.47 -27.93
N LEU C 6 45.36 12.87 -28.43
CA LEU C 6 44.04 13.28 -27.97
C LEU C 6 43.76 12.80 -26.56
N ARG C 7 44.32 11.66 -26.17
CA ARG C 7 44.20 11.20 -24.78
C ARG C 7 44.93 12.15 -23.84
N GLN C 8 46.12 12.63 -24.24
CA GLN C 8 46.87 13.54 -23.39
C GLN C 8 46.21 14.92 -23.33
N GLU C 9 45.56 15.35 -24.41
CA GLU C 9 44.89 16.64 -24.40
C GLU C 9 43.73 16.66 -23.41
N ALA C 10 43.15 15.50 -23.12
CA ALA C 10 42.11 15.43 -22.09
C ALA C 10 42.67 15.74 -20.71
N GLU C 11 43.87 15.24 -20.41
CA GLU C 11 44.48 15.51 -19.12
C GLU C 11 44.90 16.96 -18.97
N GLN C 12 45.31 17.60 -20.07
CA GLN C 12 45.67 19.02 -20.01
C GLN C 12 44.47 19.88 -19.67
N LEU C 13 43.31 19.59 -20.26
CA LEU C 13 42.11 20.36 -19.97
C LEU C 13 41.51 20.00 -18.61
N LYS C 14 41.86 18.84 -18.05
CA LYS C 14 41.33 18.46 -16.76
C LYS C 14 41.95 19.25 -15.62
N ASN C 15 43.27 19.47 -15.69
CA ASN C 15 43.93 20.20 -14.61
C ASN C 15 43.60 21.68 -14.63
N GLN C 16 43.30 22.24 -15.82
CA GLN C 16 42.94 23.64 -15.90
C GLN C 16 41.65 23.93 -15.14
N ILE C 17 40.66 23.04 -15.26
CA ILE C 17 39.40 23.23 -14.54
C ILE C 17 39.61 23.07 -13.04
N ARG C 18 40.44 22.10 -12.65
CA ARG C 18 40.70 21.88 -11.22
C ARG C 18 41.42 23.08 -10.61
N ASP C 19 42.38 23.66 -11.33
CA ASP C 19 43.13 24.80 -10.79
C ASP C 19 42.26 26.05 -10.73
N ALA C 20 41.37 26.23 -11.68
CA ALA C 20 40.51 27.41 -11.68
C ALA C 20 39.53 27.39 -10.50
N ARG C 21 39.03 26.22 -10.15
CA ARG C 21 38.12 26.12 -9.01
C ARG C 21 38.81 26.48 -7.70
N LYS C 22 40.06 26.07 -7.54
CA LYS C 22 40.80 26.41 -6.33
C LYS C 22 41.07 27.91 -6.24
N ALA C 23 41.19 28.59 -7.37
CA ALA C 23 41.46 30.03 -7.37
C ALA C 23 40.26 30.84 -6.91
N CYS C 24 39.05 30.27 -6.99
CA CYS C 24 37.84 30.97 -6.58
C CYS C 24 37.33 30.50 -5.23
N ALA C 25 38.10 29.71 -4.49
CA ALA C 25 37.69 29.16 -3.20
C ALA C 25 38.57 29.76 -2.11
N ASP C 26 38.09 30.85 -1.50
CA ASP C 26 38.83 31.54 -0.46
C ASP C 26 38.28 31.29 0.94
N ALA C 27 37.02 30.90 1.07
CA ALA C 27 36.42 30.65 2.37
C ALA C 27 35.38 29.55 2.23
N THR C 28 35.04 28.95 3.36
CA THR C 28 34.04 27.88 3.39
C THR C 28 32.73 28.38 3.96
N LEU C 29 31.66 27.65 3.64
CA LEU C 29 30.33 28.04 4.11
C LEU C 29 30.22 27.96 5.63
N SER C 30 30.77 26.89 6.22
CA SER C 30 30.69 26.74 7.67
C SER C 30 31.44 27.85 8.39
N GLN C 31 32.57 28.27 7.83
CA GLN C 31 33.33 29.37 8.43
C GLN C 31 32.54 30.67 8.41
N ILE C 32 31.87 30.96 7.30
CA ILE C 32 31.09 32.20 7.20
C ILE C 32 29.88 32.15 8.11
N THR C 33 29.17 31.02 8.13
CA THR C 33 27.91 30.89 8.85
C THR C 33 28.09 30.49 10.30
N ASN C 34 29.28 30.69 10.87
CA ASN C 34 29.50 30.25 12.24
C ASN C 34 28.83 31.16 13.26
N ASN C 35 28.65 32.43 12.92
CA ASN C 35 28.06 33.41 13.83
C ASN C 35 26.56 33.55 13.57
N ILE C 36 25.84 32.42 13.67
CA ILE C 36 24.40 32.38 13.47
C ILE C 36 23.79 31.55 14.59
N ASP C 37 22.65 32.00 15.11
CA ASP C 37 21.96 31.24 16.14
C ASP C 37 21.45 29.93 15.55
N PRO C 38 21.53 28.83 16.30
CA PRO C 38 21.06 27.54 15.78
C PRO C 38 19.55 27.51 15.61
N VAL C 39 19.11 26.57 14.77
CA VAL C 39 17.69 26.44 14.47
C VAL C 39 16.91 25.96 15.68
N GLY C 40 17.50 25.08 16.48
CA GLY C 40 16.82 24.53 17.63
C GLY C 40 16.42 23.08 17.45
N ARG C 41 15.30 22.68 18.04
CA ARG C 41 14.79 21.32 17.94
C ARG C 41 13.46 21.35 17.19
N ILE C 42 13.34 20.52 16.16
CA ILE C 42 12.14 20.45 15.33
C ILE C 42 11.42 19.15 15.66
N GLN C 43 10.18 19.28 16.14
CA GLN C 43 9.34 18.13 16.48
C GLN C 43 8.09 18.17 15.62
N MET C 44 7.81 17.06 14.94
CA MET C 44 6.67 16.98 14.04
C MET C 44 5.83 15.77 14.39
N ARG C 45 4.52 15.93 14.35
CA ARG C 45 3.57 14.88 14.70
C ARG C 45 2.82 14.42 13.45
N THR C 46 2.38 13.16 13.49
CA THR C 46 1.61 12.59 12.39
C THR C 46 0.15 13.03 12.50
N ARG C 47 -0.38 13.58 11.41
CA ARG C 47 -1.75 14.09 11.38
C ARG C 47 -2.70 13.22 10.59
N ARG C 48 -2.25 12.64 9.49
CA ARG C 48 -3.09 11.77 8.67
C ARG C 48 -2.34 10.49 8.34
N THR C 49 -3.10 9.42 8.14
CA THR C 49 -2.55 8.12 7.75
C THR C 49 -3.44 7.55 6.65
N LEU C 50 -2.97 7.63 5.41
CA LEU C 50 -3.74 7.16 4.26
C LEU C 50 -3.42 5.69 4.00
N ARG C 51 -4.45 4.87 3.90
CA ARG C 51 -4.32 3.44 3.73
C ARG C 51 -5.25 2.95 2.62
N GLY C 52 -4.88 1.83 2.02
CA GLY C 52 -5.62 1.29 0.90
C GLY C 52 -4.77 0.59 -0.13
N HIS C 53 -3.47 0.81 -0.10
CA HIS C 53 -2.55 0.09 -0.97
C HIS C 53 -2.20 -1.27 -0.37
N LEU C 54 -2.00 -2.27 -1.23
CA LEU C 54 -1.76 -3.63 -0.81
C LEU C 54 -0.36 -4.12 -1.13
N ALA C 55 0.56 -3.23 -1.49
CA ALA C 55 1.92 -3.62 -1.83
C ALA C 55 2.84 -2.41 -1.59
N LYS C 56 4.08 -2.54 -2.02
CA LYS C 56 5.06 -1.49 -1.81
C LYS C 56 4.72 -0.24 -2.62
N ILE C 57 4.94 0.92 -2.01
CA ILE C 57 4.76 2.21 -2.66
C ILE C 57 6.12 2.67 -3.17
N TYR C 58 6.18 3.09 -4.44
CA TYR C 58 7.42 3.49 -5.06
C TYR C 58 7.55 4.98 -5.33
N ALA C 59 6.45 5.71 -5.47
CA ALA C 59 6.55 7.13 -5.80
C ALA C 59 5.28 7.86 -5.39
N MET C 60 5.40 9.18 -5.29
CA MET C 60 4.25 10.06 -5.04
C MET C 60 4.60 11.46 -5.52
N HIS C 61 3.57 12.29 -5.66
CA HIS C 61 3.76 13.66 -6.12
C HIS C 61 2.60 14.52 -5.65
N TRP C 62 2.91 15.72 -5.15
CA TRP C 62 1.92 16.68 -4.69
C TRP C 62 1.29 17.42 -5.87
N GLY C 63 0.13 18.01 -5.62
CA GLY C 63 -0.47 18.95 -6.55
C GLY C 63 -0.08 20.39 -6.23
N THR C 64 -0.45 21.28 -7.13
CA THR C 64 -0.12 22.69 -6.94
C THR C 64 -1.00 23.33 -5.88
N ASP C 65 -2.22 22.84 -5.71
CA ASP C 65 -3.16 23.39 -4.73
C ASP C 65 -2.88 22.93 -3.31
N SER C 66 -1.91 22.03 -3.11
CA SER C 66 -1.55 21.53 -1.78
C SER C 66 -2.70 20.81 -1.11
N ARG C 67 -3.53 20.14 -1.91
CA ARG C 67 -4.71 19.43 -1.43
C ARG C 67 -4.80 18.00 -1.94
N LEU C 68 -4.36 17.74 -3.17
CA LEU C 68 -4.51 16.45 -3.81
C LEU C 68 -3.15 15.77 -4.01
N LEU C 69 -3.20 14.44 -4.14
CA LEU C 69 -1.99 13.63 -4.28
C LEU C 69 -2.18 12.58 -5.35
N VAL C 70 -1.08 11.95 -5.74
CA VAL C 70 -1.08 10.73 -6.53
C VAL C 70 0.03 9.82 -6.01
N SER C 71 -0.24 8.53 -5.93
CA SER C 71 0.74 7.56 -5.47
C SER C 71 0.68 6.31 -6.34
N ALA C 72 1.83 5.63 -6.46
CA ALA C 72 1.95 4.46 -7.32
C ALA C 72 2.48 3.28 -6.51
N SER C 73 1.96 2.10 -6.79
CA SER C 73 2.30 0.89 -6.05
C SER C 73 2.43 -0.29 -7.00
N GLN C 74 3.10 -1.33 -6.53
CA GLN C 74 3.35 -2.53 -7.32
C GLN C 74 2.10 -3.37 -7.55
N ASP C 75 0.99 -3.06 -6.88
CA ASP C 75 -0.25 -3.78 -7.08
C ASP C 75 -1.03 -3.30 -8.30
N GLY C 76 -0.39 -2.54 -9.18
CA GLY C 76 -1.04 -2.06 -10.39
C GLY C 76 -2.16 -1.08 -10.17
N LYS C 77 -1.99 -0.13 -9.25
CA LYS C 77 -3.01 0.85 -8.94
C LYS C 77 -2.41 2.25 -8.88
N LEU C 78 -3.23 3.24 -9.22
CA LEU C 78 -2.87 4.65 -9.15
C LEU C 78 -4.02 5.39 -8.46
N ILE C 79 -3.79 5.84 -7.23
CA ILE C 79 -4.84 6.41 -6.39
C ILE C 79 -4.58 7.90 -6.22
N ILE C 80 -5.65 8.70 -6.33
CA ILE C 80 -5.63 10.12 -6.03
C ILE C 80 -6.36 10.34 -4.72
N TRP C 81 -5.70 11.00 -3.77
CA TRP C 81 -6.19 11.16 -2.41
C TRP C 81 -6.63 12.60 -2.14
N ASP C 82 -7.34 12.76 -1.02
CA ASP C 82 -7.71 14.07 -0.47
C ASP C 82 -7.13 14.16 0.93
N SER C 83 -6.14 15.04 1.12
CA SER C 83 -5.45 15.12 2.40
C SER C 83 -6.38 15.54 3.53
N TYR C 84 -7.24 16.53 3.27
CA TYR C 84 -7.99 17.16 4.35
C TYR C 84 -8.98 16.18 4.97
N THR C 85 -9.69 15.40 4.17
CA THR C 85 -10.75 14.54 4.65
C THR C 85 -10.41 13.05 4.60
N THR C 86 -9.23 12.68 4.11
CA THR C 86 -8.83 11.28 3.94
C THR C 86 -9.85 10.54 3.08
N ASN C 87 -9.98 11.00 1.84
CA ASN C 87 -10.94 10.46 0.88
C ASN C 87 -10.22 10.01 -0.37
N LYS C 88 -10.87 9.12 -1.12
CA LYS C 88 -10.37 8.64 -2.39
C LYS C 88 -11.21 9.25 -3.51
N VAL C 89 -10.53 9.80 -4.51
CA VAL C 89 -11.20 10.48 -5.62
C VAL C 89 -11.18 9.63 -6.89
N HIS C 90 -10.05 8.98 -7.18
CA HIS C 90 -9.93 8.12 -8.36
C HIS C 90 -9.04 6.94 -8.05
N ALA C 91 -9.27 5.84 -8.77
CA ALA C 91 -8.41 4.66 -8.72
C ALA C 91 -8.21 4.17 -10.15
N ILE C 92 -6.97 4.21 -10.62
CA ILE C 92 -6.64 3.98 -12.03
C ILE C 92 -5.91 2.64 -12.15
N PRO C 93 -6.47 1.66 -12.85
CA PRO C 93 -5.72 0.44 -13.12
C PRO C 93 -4.61 0.68 -14.13
N LEU C 94 -3.58 -0.16 -14.06
CA LEU C 94 -2.43 -0.07 -14.95
C LEU C 94 -2.26 -1.38 -15.72
N ARG C 95 -1.89 -1.26 -16.99
CA ARG C 95 -1.65 -2.44 -17.81
C ARG C 95 -0.45 -3.23 -17.30
N SER C 96 0.60 -2.53 -16.87
CA SER C 96 1.79 -3.17 -16.30
C SER C 96 1.90 -2.80 -14.82
N SER C 97 2.22 -3.79 -14.00
CA SER C 97 2.31 -3.60 -12.55
C SER C 97 3.69 -3.15 -12.09
N TRP C 98 4.66 -3.06 -13.00
CA TRP C 98 6.02 -2.71 -12.63
C TRP C 98 6.22 -1.22 -12.91
N VAL C 99 5.76 -0.40 -11.98
CA VAL C 99 5.79 1.05 -12.09
C VAL C 99 6.80 1.60 -11.09
N MET C 100 7.58 2.59 -11.53
CA MET C 100 8.64 3.16 -10.71
C MET C 100 8.56 4.67 -10.53
N THR C 101 7.67 5.36 -11.24
CA THR C 101 7.60 6.82 -11.11
C THR C 101 6.20 7.30 -11.45
N CYS C 102 5.87 8.50 -10.97
CA CYS C 102 4.59 9.13 -11.26
C CYS C 102 4.75 10.64 -11.08
N ALA C 103 3.85 11.39 -11.69
CA ALA C 103 3.91 12.84 -11.66
C ALA C 103 2.51 13.42 -11.81
N TYR C 104 2.37 14.68 -11.39
CA TYR C 104 1.10 15.41 -11.44
C TYR C 104 1.31 16.69 -12.22
N ALA C 105 0.43 16.94 -13.19
CA ALA C 105 0.56 18.13 -14.02
C ALA C 105 0.24 19.39 -13.23
N PRO C 106 0.94 20.49 -13.51
CA PRO C 106 0.64 21.73 -12.78
C PRO C 106 -0.77 22.24 -12.97
N SER C 107 -1.38 22.01 -14.14
CA SER C 107 -2.75 22.45 -14.36
C SER C 107 -3.76 21.55 -13.66
N GLY C 108 -3.36 20.36 -13.24
CA GLY C 108 -4.27 19.44 -12.59
C GLY C 108 -5.16 18.65 -13.52
N ASN C 109 -4.78 18.51 -14.79
CA ASN C 109 -5.59 17.80 -15.76
C ASN C 109 -5.03 16.43 -16.15
N TYR C 110 -3.74 16.17 -15.88
CA TYR C 110 -3.11 14.95 -16.34
C TYR C 110 -2.20 14.39 -15.26
N VAL C 111 -1.99 13.07 -15.33
CA VAL C 111 -0.98 12.37 -14.52
C VAL C 111 -0.21 11.44 -15.45
N ALA C 112 0.90 10.91 -14.94
CA ALA C 112 1.75 10.04 -15.74
C ALA C 112 2.38 8.98 -14.85
N CYS C 113 2.82 7.89 -15.48
CA CYS C 113 3.49 6.80 -14.78
C CYS C 113 4.32 6.01 -15.77
N GLY C 114 5.23 5.21 -15.25
CA GLY C 114 6.08 4.37 -16.08
C GLY C 114 6.94 3.46 -15.23
N GLY C 115 7.65 2.56 -15.91
CA GLY C 115 8.46 1.59 -15.22
C GLY C 115 9.24 0.65 -16.12
N LEU C 116 9.20 -0.65 -15.80
CA LEU C 116 9.98 -1.65 -16.51
C LEU C 116 9.45 -1.93 -17.92
N ASP C 117 8.30 -1.39 -18.29
CA ASP C 117 7.77 -1.56 -19.63
C ASP C 117 8.39 -0.62 -20.65
N ASN C 118 9.27 0.28 -20.21
CA ASN C 118 10.00 1.20 -21.08
C ASN C 118 9.07 2.18 -21.79
N ILE C 119 7.94 2.50 -21.17
CA ILE C 119 6.92 3.35 -21.77
C ILE C 119 6.42 4.35 -20.73
N CYS C 120 6.18 5.59 -21.17
CA CYS C 120 5.55 6.60 -20.34
C CYS C 120 4.10 6.77 -20.79
N SER C 121 3.18 6.71 -19.84
CA SER C 121 1.75 6.78 -20.13
C SER C 121 1.16 8.06 -19.58
N ILE C 122 0.21 8.65 -20.31
CA ILE C 122 -0.46 9.88 -19.92
C ILE C 122 -1.95 9.58 -19.74
N TYR C 123 -2.53 10.13 -18.68
CA TYR C 123 -3.91 9.89 -18.30
C TYR C 123 -4.67 11.20 -18.25
N ASN C 124 -5.95 11.14 -18.64
CA ASN C 124 -6.82 12.30 -18.67
C ASN C 124 -7.82 12.19 -17.52
N LEU C 125 -7.81 13.18 -16.63
CA LEU C 125 -8.66 13.18 -15.46
C LEU C 125 -9.97 13.93 -15.65
N LYS C 126 -9.90 15.17 -16.15
CA LYS C 126 -11.08 16.00 -16.34
C LYS C 126 -11.57 15.80 -17.77
N THR C 127 -12.55 14.92 -17.95
CA THR C 127 -13.11 14.64 -19.26
C THR C 127 -14.54 14.15 -19.08
N ARG C 128 -15.29 14.16 -20.18
CA ARG C 128 -16.64 13.65 -20.17
C ARG C 128 -16.62 12.14 -19.96
N GLU C 129 -17.82 11.54 -19.89
CA GLU C 129 -18.06 10.12 -19.64
C GLU C 129 -17.71 9.71 -18.21
N GLY C 130 -17.16 10.62 -17.40
CA GLY C 130 -16.93 10.35 -15.99
C GLY C 130 -16.00 9.20 -15.69
N ASN C 131 -14.90 9.08 -16.43
CA ASN C 131 -13.91 8.05 -16.16
C ASN C 131 -12.56 8.51 -16.67
N VAL C 132 -11.51 7.91 -16.12
CA VAL C 132 -10.13 8.21 -16.52
C VAL C 132 -9.75 7.30 -17.68
N ARG C 133 -9.14 7.88 -18.70
CA ARG C 133 -8.81 7.16 -19.92
C ARG C 133 -7.35 7.43 -20.30
N VAL C 134 -6.73 6.44 -20.94
CA VAL C 134 -5.37 6.60 -21.42
C VAL C 134 -5.38 7.52 -22.63
N SER C 135 -4.56 8.56 -22.60
CA SER C 135 -4.53 9.56 -23.67
C SER C 135 -3.40 9.34 -24.65
N ARG C 136 -2.23 8.90 -24.19
CA ARG C 136 -1.07 8.78 -25.06
C ARG C 136 -0.05 7.86 -24.40
N GLU C 137 0.63 7.06 -25.22
CA GLU C 137 1.74 6.23 -24.79
C GLU C 137 2.98 6.63 -25.58
N LEU C 138 4.05 6.98 -24.88
CA LEU C 138 5.29 7.44 -25.50
C LEU C 138 6.32 6.33 -25.48
N ALA C 139 6.86 5.99 -26.65
CA ALA C 139 7.80 4.89 -26.80
C ALA C 139 9.04 5.37 -27.53
N GLY C 140 10.16 4.69 -27.30
CA GLY C 140 11.42 5.06 -27.91
C GLY C 140 12.63 4.83 -27.03
N HIS C 141 12.44 4.74 -25.73
CA HIS C 141 13.53 4.42 -24.82
C HIS C 141 13.85 2.93 -24.88
N THR C 142 15.12 2.61 -24.62
CA THR C 142 15.58 1.23 -24.61
C THR C 142 15.87 0.72 -23.21
N GLY C 143 15.47 1.46 -22.18
CA GLY C 143 15.65 1.04 -20.81
C GLY C 143 14.50 1.55 -19.96
N TYR C 144 14.47 1.10 -18.71
CA TYR C 144 13.38 1.46 -17.82
C TYR C 144 13.40 2.95 -17.50
N LEU C 145 12.19 3.51 -17.32
CA LEU C 145 12.06 4.91 -16.94
C LEU C 145 12.22 5.08 -15.43
N SER C 146 13.06 6.04 -15.04
CA SER C 146 13.33 6.31 -13.64
C SER C 146 12.53 7.50 -13.09
N CYS C 147 12.33 8.53 -13.89
CA CYS C 147 11.65 9.74 -13.41
C CYS C 147 11.04 10.48 -14.59
N CYS C 148 10.08 11.35 -14.28
CA CYS C 148 9.43 12.18 -15.28
C CYS C 148 8.78 13.38 -14.60
N ARG C 149 8.79 14.51 -15.29
CA ARG C 149 8.21 15.75 -14.78
C ARG C 149 7.59 16.54 -15.92
N PHE C 150 6.56 17.32 -15.58
CA PHE C 150 5.82 18.10 -16.56
C PHE C 150 6.40 19.50 -16.67
N LEU C 151 6.43 20.03 -17.89
CA LEU C 151 6.69 21.45 -18.14
C LEU C 151 5.39 22.22 -18.36
N ASP C 152 4.52 21.70 -19.21
CA ASP C 152 3.18 22.23 -19.40
C ASP C 152 2.28 21.05 -19.80
N ASP C 153 1.11 21.36 -20.35
CA ASP C 153 0.19 20.30 -20.76
C ASP C 153 0.65 19.57 -22.03
N ASN C 154 1.67 20.06 -22.73
CA ASN C 154 2.10 19.46 -23.98
C ASN C 154 3.58 19.11 -24.01
N GLN C 155 4.30 19.22 -22.90
CA GLN C 155 5.72 18.89 -22.88
C GLN C 155 6.04 18.09 -21.61
N ILE C 156 6.96 17.15 -21.74
CA ILE C 156 7.37 16.30 -20.63
C ILE C 156 8.82 15.91 -20.82
N VAL C 157 9.53 15.72 -19.71
CA VAL C 157 10.94 15.33 -19.70
C VAL C 157 11.07 14.03 -18.94
N THR C 158 11.79 13.07 -19.51
CA THR C 158 11.94 11.74 -18.92
C THR C 158 13.41 11.36 -18.85
N SER C 159 13.74 10.50 -17.90
CA SER C 159 15.06 9.91 -17.76
C SER C 159 14.93 8.39 -17.74
N SER C 160 15.91 7.71 -18.31
CA SER C 160 15.82 6.27 -18.50
C SER C 160 17.11 5.59 -18.06
N GLY C 161 17.04 4.27 -17.97
CA GLY C 161 18.17 3.42 -17.65
C GLY C 161 19.06 3.07 -18.82
N ASP C 162 18.88 3.74 -19.96
CA ASP C 162 19.75 3.58 -21.11
C ASP C 162 20.72 4.75 -21.26
N THR C 163 21.01 5.44 -20.16
CA THR C 163 22.00 6.53 -20.11
C THR C 163 21.61 7.72 -20.98
N THR C 164 20.30 8.01 -21.09
CA THR C 164 19.84 9.14 -21.87
C THR C 164 18.68 9.83 -21.18
N CYS C 165 18.46 11.09 -21.57
CA CYS C 165 17.27 11.86 -21.22
C CYS C 165 16.64 12.38 -22.50
N ALA C 166 15.35 12.68 -22.44
CA ALA C 166 14.61 13.06 -23.64
C ALA C 166 13.54 14.08 -23.29
N LEU C 167 13.13 14.84 -24.30
CA LEU C 167 12.05 15.81 -24.21
C LEU C 167 11.00 15.48 -25.26
N TRP C 168 9.76 15.32 -24.83
CA TRP C 168 8.68 14.79 -25.68
C TRP C 168 7.63 15.86 -25.95
N ASP C 169 6.93 15.69 -27.06
CA ASP C 169 5.73 16.45 -27.38
C ASP C 169 4.55 15.48 -27.35
N ILE C 170 3.58 15.75 -26.47
CA ILE C 170 2.53 14.78 -26.20
C ILE C 170 1.64 14.57 -27.43
N GLU C 171 1.27 15.66 -28.12
CA GLU C 171 0.36 15.54 -29.25
C GLU C 171 0.98 14.74 -30.39
N THR C 172 2.20 15.11 -30.78
CA THR C 172 2.85 14.40 -31.89
C THR C 172 3.36 13.03 -31.45
N GLY C 173 3.68 12.88 -30.17
CA GLY C 173 4.20 11.61 -29.69
C GLY C 173 5.62 11.30 -30.10
N GLN C 174 6.42 12.33 -30.40
CA GLN C 174 7.78 12.14 -30.87
C GLN C 174 8.75 12.98 -30.05
N GLN C 175 9.98 12.51 -29.94
CA GLN C 175 11.01 13.26 -29.25
C GLN C 175 11.41 14.50 -30.04
N THR C 176 11.76 15.56 -29.31
CA THR C 176 12.28 16.77 -29.91
C THR C 176 13.74 17.03 -29.58
N THR C 177 14.26 16.48 -28.48
CA THR C 177 15.66 16.62 -28.10
C THR C 177 16.07 15.41 -27.29
N THR C 178 17.31 14.97 -27.49
CA THR C 178 17.90 13.88 -26.72
C THR C 178 19.13 14.41 -26.00
N PHE C 179 19.27 14.07 -24.73
CA PHE C 179 20.36 14.54 -23.89
C PHE C 179 21.30 13.37 -23.62
N THR C 180 22.52 13.46 -24.14
CA THR C 180 23.51 12.40 -24.04
C THR C 180 24.77 12.91 -23.37
N GLY C 181 25.52 11.99 -22.77
CA GLY C 181 26.78 12.34 -22.13
C GLY C 181 27.07 11.55 -20.88
N HIS C 182 26.05 10.97 -20.26
CA HIS C 182 26.27 10.12 -19.10
C HIS C 182 26.83 8.76 -19.53
N THR C 183 27.54 8.11 -18.61
CA THR C 183 28.08 6.79 -18.84
C THR C 183 27.42 5.72 -17.97
N GLY C 184 26.47 6.11 -17.12
CA GLY C 184 25.74 5.16 -16.30
C GLY C 184 24.25 5.43 -16.36
N ASP C 185 23.50 4.55 -15.69
CA ASP C 185 22.06 4.67 -15.67
C ASP C 185 21.64 5.93 -14.92
N VAL C 186 20.69 6.66 -15.49
CA VAL C 186 20.18 7.89 -14.89
C VAL C 186 19.03 7.55 -13.95
N MET C 187 19.12 8.04 -12.73
CA MET C 187 18.18 7.67 -11.68
C MET C 187 17.27 8.80 -11.20
N SER C 188 17.70 10.05 -11.30
CA SER C 188 16.95 11.16 -10.74
C SER C 188 16.93 12.32 -11.73
N LEU C 189 16.03 13.28 -11.45
CA LEU C 189 15.81 14.40 -12.36
C LEU C 189 15.03 15.47 -11.61
N SER C 190 15.53 16.70 -11.62
CA SER C 190 14.86 17.83 -11.00
C SER C 190 14.78 18.98 -12.00
N LEU C 191 13.71 19.76 -11.90
CA LEU C 191 13.39 20.80 -12.87
C LEU C 191 13.38 22.16 -12.19
N ALA C 192 13.99 23.15 -12.83
CA ALA C 192 14.14 24.47 -12.24
C ALA C 192 12.80 25.20 -12.21
N PRO C 193 12.63 26.15 -11.28
CA PRO C 193 11.37 26.92 -11.23
C PRO C 193 11.07 27.70 -12.49
N ASP C 194 12.09 28.19 -13.19
CA ASP C 194 11.88 28.94 -14.43
C ASP C 194 11.70 28.05 -15.65
N THR C 195 11.83 26.73 -15.49
CA THR C 195 11.64 25.76 -16.56
C THR C 195 12.52 26.06 -17.78
N ARG C 196 13.76 26.46 -17.52
CA ARG C 196 14.74 26.68 -18.56
C ARG C 196 15.99 25.80 -18.41
N LEU C 197 16.19 25.17 -17.27
CA LEU C 197 17.31 24.28 -17.03
C LEU C 197 16.85 23.13 -16.14
N PHE C 198 17.62 22.05 -16.13
CA PHE C 198 17.36 20.95 -15.20
C PHE C 198 18.65 20.17 -14.98
N VAL C 199 18.68 19.41 -13.90
CA VAL C 199 19.85 18.63 -13.50
C VAL C 199 19.45 17.17 -13.36
N SER C 200 20.45 16.30 -13.49
CA SER C 200 20.24 14.86 -13.42
C SER C 200 21.38 14.20 -12.68
N GLY C 201 21.08 13.08 -12.04
CA GLY C 201 22.09 12.29 -11.35
C GLY C 201 22.05 10.84 -11.80
N ALA C 202 23.24 10.27 -11.97
CA ALA C 202 23.34 8.93 -12.53
C ALA C 202 24.19 7.99 -11.69
N CYS C 203 24.44 6.78 -12.19
CA CYS C 203 25.18 5.76 -11.48
C CYS C 203 26.69 5.89 -11.65
N ASP C 204 27.16 6.84 -12.45
CA ASP C 204 28.58 7.10 -12.61
C ASP C 204 29.10 8.11 -11.59
N ALA C 205 28.31 8.40 -10.55
CA ALA C 205 28.72 9.30 -9.47
C ALA C 205 29.02 10.71 -9.96
N SER C 206 28.19 11.20 -10.88
CA SER C 206 28.33 12.56 -11.40
C SER C 206 26.95 13.16 -11.63
N ALA C 207 26.90 14.49 -11.62
CA ALA C 207 25.68 15.24 -11.91
C ALA C 207 25.95 16.23 -13.03
N LYS C 208 24.93 16.46 -13.85
CA LYS C 208 25.06 17.30 -15.03
C LYS C 208 23.92 18.31 -15.10
N LEU C 209 24.23 19.49 -15.62
CA LEU C 209 23.26 20.57 -15.79
C LEU C 209 23.04 20.79 -17.28
N TRP C 210 21.77 20.80 -17.69
CA TRP C 210 21.40 20.86 -19.09
C TRP C 210 20.59 22.11 -19.40
N ASP C 211 20.60 22.49 -20.67
CA ASP C 211 19.78 23.57 -21.19
C ASP C 211 18.72 22.99 -22.12
N VAL C 212 17.46 23.30 -21.84
CA VAL C 212 16.36 22.68 -22.57
C VAL C 212 16.30 23.19 -24.01
N ARG C 213 16.44 24.50 -24.20
CA ARG C 213 16.27 25.08 -25.53
C ARG C 213 17.34 24.60 -26.49
N GLU C 214 18.59 24.52 -26.05
CA GLU C 214 19.69 24.18 -26.93
C GLU C 214 20.11 22.72 -26.86
N GLY C 215 19.74 22.00 -25.80
CA GLY C 215 20.07 20.60 -25.68
C GLY C 215 21.56 20.28 -25.57
N MET C 216 22.27 21.02 -24.72
CA MET C 216 23.69 20.79 -24.51
C MET C 216 24.00 20.84 -23.02
N CYS C 217 25.09 20.18 -22.65
CA CYS C 217 25.53 20.14 -21.26
C CYS C 217 26.43 21.33 -20.96
N ARG C 218 26.21 21.95 -19.80
CA ARG C 218 26.93 23.15 -19.40
C ARG C 218 28.00 22.89 -18.33
N GLN C 219 27.66 22.19 -17.26
CA GLN C 219 28.60 21.90 -16.20
C GLN C 219 28.43 20.46 -15.72
N THR C 220 29.49 19.94 -15.10
CA THR C 220 29.49 18.60 -14.53
C THR C 220 30.08 18.66 -13.13
N PHE C 221 29.49 17.89 -12.22
CA PHE C 221 29.87 17.90 -10.81
C PHE C 221 30.18 16.50 -10.34
N THR C 222 31.32 16.31 -9.68
CA THR C 222 31.79 14.99 -9.27
C THR C 222 32.36 15.10 -7.86
N GLY C 223 31.62 14.63 -6.86
CA GLY C 223 32.11 14.59 -5.50
C GLY C 223 31.81 13.31 -4.75
N HIS C 224 30.92 12.49 -5.28
CA HIS C 224 30.45 11.30 -4.57
C HIS C 224 31.35 10.10 -4.85
N GLU C 225 31.21 9.08 -4.03
CA GLU C 225 31.95 7.84 -4.16
C GLU C 225 31.11 6.66 -4.62
N SER C 226 29.81 6.87 -4.83
CA SER C 226 28.92 5.82 -5.30
C SER C 226 27.79 6.46 -6.10
N ASP C 227 26.81 5.65 -6.47
CA ASP C 227 25.75 6.13 -7.34
C ASP C 227 24.79 7.07 -6.62
N ILE C 228 24.21 8.00 -7.38
CA ILE C 228 23.34 9.05 -6.86
C ILE C 228 21.89 8.61 -7.04
N ASN C 229 21.10 8.73 -5.98
CA ASN C 229 19.71 8.29 -5.99
C ASN C 229 18.69 9.42 -6.02
N ALA C 230 19.05 10.61 -5.55
CA ALA C 230 18.08 11.71 -5.46
C ALA C 230 18.76 13.04 -5.76
N ILE C 231 17.95 14.02 -6.18
CA ILE C 231 18.43 15.34 -6.56
C ILE C 231 17.28 16.33 -6.42
N CYS C 232 17.60 17.59 -6.12
CA CYS C 232 16.60 18.63 -5.94
C CYS C 232 17.26 20.00 -5.94
N PHE C 233 16.58 20.99 -6.52
CA PHE C 233 17.04 22.37 -6.51
C PHE C 233 16.78 23.09 -5.18
N PHE C 234 17.62 24.08 -4.91
CA PHE C 234 17.35 25.08 -3.89
C PHE C 234 16.19 25.97 -4.34
N PRO C 235 15.41 26.51 -3.40
CA PRO C 235 14.30 27.41 -3.80
C PRO C 235 14.73 28.59 -4.64
N ASN C 236 15.93 29.13 -4.41
CA ASN C 236 16.41 30.25 -5.20
C ASN C 236 16.61 29.86 -6.66
N GLY C 237 17.17 28.69 -6.90
CA GLY C 237 17.51 28.25 -8.24
C GLY C 237 18.98 28.31 -8.59
N ASN C 238 19.86 28.56 -7.63
CA ASN C 238 21.28 28.66 -7.87
C ASN C 238 22.08 27.56 -7.17
N ALA C 239 21.42 26.56 -6.61
CA ALA C 239 22.10 25.47 -5.92
C ALA C 239 21.18 24.25 -5.92
N PHE C 240 21.78 23.10 -5.61
CA PHE C 240 21.01 21.86 -5.56
C PHE C 240 21.73 20.88 -4.62
N ALA C 241 20.99 19.84 -4.22
CA ALA C 241 21.48 18.84 -3.28
C ALA C 241 21.28 17.44 -3.83
N THR C 242 22.17 16.53 -3.43
CA THR C 242 22.18 15.16 -3.93
C THR C 242 22.22 14.17 -2.77
N GLY C 243 21.79 12.94 -3.07
CA GLY C 243 21.85 11.85 -2.11
C GLY C 243 22.33 10.57 -2.77
N SER C 244 23.28 9.87 -2.14
CA SER C 244 23.96 8.74 -2.75
C SER C 244 23.87 7.52 -1.85
N ASP C 245 24.47 6.43 -2.32
CA ASP C 245 24.54 5.18 -1.58
C ASP C 245 25.72 5.12 -0.61
N ASP C 246 26.54 6.17 -0.57
CA ASP C 246 27.65 6.25 0.37
C ASP C 246 27.24 6.87 1.70
N ALA C 247 25.93 7.03 1.94
CA ALA C 247 25.39 7.62 3.17
C ALA C 247 25.90 9.05 3.35
N THR C 248 25.58 9.90 2.37
CA THR C 248 26.05 11.28 2.39
C THR C 248 25.17 12.13 1.48
N CYS C 249 24.82 13.31 1.96
CA CYS C 249 24.22 14.36 1.15
C CYS C 249 25.23 15.49 0.96
N ARG C 250 25.19 16.12 -0.22
CA ARG C 250 26.12 17.20 -0.53
C ARG C 250 25.36 18.35 -1.19
N LEU C 251 25.89 19.56 -1.03
CA LEU C 251 25.32 20.77 -1.62
C LEU C 251 26.29 21.34 -2.64
N PHE C 252 25.79 21.57 -3.85
CA PHE C 252 26.58 22.11 -4.94
C PHE C 252 26.04 23.47 -5.36
N ASP C 253 26.92 24.36 -5.79
CA ASP C 253 26.56 25.68 -6.26
C ASP C 253 26.88 25.79 -7.74
N LEU C 254 26.07 26.56 -8.45
CA LEU C 254 26.20 26.71 -9.90
C LEU C 254 27.21 27.79 -10.29
N ARG C 255 27.15 28.95 -9.65
CA ARG C 255 28.01 30.06 -10.05
C ARG C 255 29.46 29.78 -9.70
N ALA C 256 29.72 29.34 -8.46
CA ALA C 256 31.09 28.98 -8.09
C ALA C 256 31.53 27.68 -8.74
N ASP C 257 30.57 26.80 -9.04
CA ASP C 257 30.81 25.54 -9.75
C ASP C 257 31.75 24.64 -8.94
N GLN C 258 31.29 24.28 -7.75
CA GLN C 258 31.96 23.28 -6.91
C GLN C 258 31.05 22.99 -5.72
N GLU C 259 31.57 22.16 -4.81
CA GLU C 259 30.82 21.70 -3.63
C GLU C 259 30.98 22.69 -2.48
N LEU C 260 29.94 22.76 -1.65
CA LEU C 260 29.90 23.66 -0.52
C LEU C 260 29.89 22.94 0.82
N MET C 261 28.94 22.03 1.05
CA MET C 261 28.74 21.43 2.36
C MET C 261 28.46 19.94 2.20
N THR C 262 28.83 19.16 3.22
CA THR C 262 28.59 17.73 3.27
C THR C 262 27.86 17.39 4.56
N TYR C 263 26.80 16.59 4.45
CA TYR C 263 25.95 16.21 5.57
C TYR C 263 26.17 14.72 5.86
N SER C 264 26.93 14.43 6.92
CA SER C 264 27.28 13.07 7.26
C SER C 264 27.28 12.88 8.77
N HIS C 265 27.01 11.65 9.19
CA HIS C 265 27.12 11.26 10.59
C HIS C 265 27.84 9.91 10.66
N ASP C 266 28.54 9.68 11.77
CA ASP C 266 29.36 8.50 11.91
C ASP C 266 28.56 7.24 12.21
N ASN C 267 27.29 7.35 12.57
CA ASN C 267 26.45 6.20 12.88
C ASN C 267 25.35 5.99 11.86
N ILE C 268 25.59 6.37 10.60
CA ILE C 268 24.67 6.11 9.49
C ILE C 268 25.43 5.33 8.44
N ILE C 269 24.91 4.17 8.04
CA ILE C 269 25.59 3.30 7.10
C ILE C 269 24.74 3.08 5.85
N CYS C 270 23.41 3.18 6.01
CA CYS C 270 22.50 2.91 4.91
C CYS C 270 22.51 4.06 3.91
N GLY C 271 21.93 3.79 2.74
CA GLY C 271 21.87 4.77 1.68
C GLY C 271 20.73 5.75 1.85
N ILE C 272 20.55 6.58 0.83
CA ILE C 272 19.56 7.65 0.83
C ILE C 272 18.64 7.47 -0.36
N THR C 273 17.33 7.53 -0.10
CA THR C 273 16.32 7.32 -1.13
C THR C 273 15.80 8.61 -1.75
N SER C 274 15.58 9.65 -0.96
CA SER C 274 14.97 10.87 -1.47
C SER C 274 15.41 12.06 -0.63
N VAL C 275 15.37 13.24 -1.24
CA VAL C 275 15.69 14.50 -0.56
C VAL C 275 14.66 15.56 -0.95
N SER C 276 14.51 16.56 -0.08
CA SER C 276 13.61 17.66 -0.32
C SER C 276 14.01 18.84 0.56
N PHE C 277 13.57 20.04 0.15
CA PHE C 277 13.87 21.28 0.84
C PHE C 277 12.60 21.83 1.49
N SER C 278 12.76 22.91 2.24
CA SER C 278 11.65 23.64 2.82
C SER C 278 11.36 24.89 1.97
N LYS C 279 10.44 25.72 2.43
CA LYS C 279 10.04 26.89 1.64
C LYS C 279 11.12 27.97 1.69
N SER C 280 11.74 28.18 2.84
CA SER C 280 12.81 29.17 2.96
C SER C 280 14.18 28.61 2.64
N GLY C 281 14.31 27.30 2.43
CA GLY C 281 15.59 26.70 2.14
C GLY C 281 16.48 26.49 3.33
N ARG C 282 15.93 26.45 4.53
CA ARG C 282 16.74 26.28 5.73
C ARG C 282 16.83 24.82 6.19
N LEU C 283 15.79 24.03 5.96
CA LEU C 283 15.77 22.64 6.37
C LEU C 283 15.88 21.72 5.16
N LEU C 284 16.67 20.66 5.31
CA LEU C 284 16.82 19.64 4.27
C LEU C 284 16.30 18.32 4.83
N LEU C 285 15.34 17.71 4.13
CA LEU C 285 14.73 16.46 4.55
C LEU C 285 15.22 15.33 3.66
N ALA C 286 15.57 14.20 4.28
CA ALA C 286 16.10 13.05 3.55
C ALA C 286 15.47 11.77 4.07
N GLY C 287 15.33 10.80 3.16
CA GLY C 287 14.80 9.48 3.49
C GLY C 287 15.89 8.43 3.38
N TYR C 288 15.87 7.45 4.28
CA TYR C 288 16.95 6.49 4.41
C TYR C 288 16.38 5.08 4.36
N ASP C 289 17.30 4.11 4.26
CA ASP C 289 16.95 2.69 4.24
C ASP C 289 16.84 2.10 5.65
N ASP C 290 17.10 2.88 6.70
CA ASP C 290 16.99 2.42 8.07
C ASP C 290 15.66 2.83 8.71
N PHE C 291 14.58 2.89 7.94
CA PHE C 291 13.20 3.12 8.37
C PHE C 291 12.97 4.55 8.86
N ASN C 292 13.91 5.48 8.67
CA ASN C 292 13.84 6.78 9.30
C ASN C 292 13.97 7.88 8.27
N CYS C 293 13.56 9.09 8.68
CA CYS C 293 13.72 10.31 7.91
C CYS C 293 14.35 11.37 8.81
N ASN C 294 15.40 12.01 8.32
CA ASN C 294 16.16 12.97 9.11
C ASN C 294 15.92 14.39 8.61
N VAL C 295 16.07 15.35 9.52
CA VAL C 295 15.96 16.78 9.21
C VAL C 295 17.30 17.42 9.50
N TRP C 296 17.86 18.10 8.51
CA TRP C 296 19.17 18.72 8.60
C TRP C 296 19.06 20.23 8.57
N ASP C 297 20.08 20.88 9.11
CA ASP C 297 20.23 22.34 8.99
C ASP C 297 21.10 22.62 7.77
N ALA C 298 20.52 23.29 6.78
CA ALA C 298 21.21 23.47 5.51
C ALA C 298 22.41 24.40 5.60
N LEU C 299 22.52 25.19 6.66
CA LEU C 299 23.61 26.15 6.80
C LEU C 299 24.68 25.74 7.81
N LYS C 300 24.28 25.24 8.98
CA LYS C 300 25.24 24.82 9.99
C LYS C 300 25.64 23.36 9.86
N ALA C 301 25.01 22.60 8.98
CA ALA C 301 25.29 21.17 8.79
C ALA C 301 25.15 20.39 10.09
N ASP C 302 24.05 20.64 10.79
CA ASP C 302 23.75 19.97 12.05
C ASP C 302 22.43 19.23 11.95
N ARG C 303 22.32 18.14 12.70
CA ARG C 303 21.10 17.35 12.73
C ARG C 303 20.08 18.00 13.67
N ALA C 304 18.85 18.18 13.18
CA ALA C 304 17.85 18.94 13.92
C ALA C 304 16.64 18.11 14.36
N GLY C 305 16.34 16.99 13.72
CA GLY C 305 15.17 16.22 14.10
C GLY C 305 15.12 14.91 13.34
N VAL C 306 14.23 14.04 13.82
CA VAL C 306 14.05 12.71 13.25
C VAL C 306 12.55 12.43 13.15
N LEU C 307 12.12 11.90 12.00
CA LEU C 307 10.77 11.39 11.83
C LEU C 307 10.83 9.87 11.81
N ALA C 308 10.09 9.23 12.70
CA ALA C 308 10.16 7.78 12.87
C ALA C 308 8.74 7.23 13.03
N GLY C 309 8.17 6.73 11.93
CA GLY C 309 6.85 6.14 11.99
C GLY C 309 6.60 4.99 11.05
N HIS C 310 7.64 4.51 10.36
CA HIS C 310 7.50 3.50 9.34
C HIS C 310 8.22 2.21 9.75
N ASP C 311 7.64 1.07 9.33
CA ASP C 311 8.18 -0.23 9.63
C ASP C 311 9.00 -0.83 8.49
N ASN C 312 9.19 -0.09 7.40
CA ASN C 312 9.98 -0.56 6.28
C ASN C 312 10.71 0.63 5.67
N ARG C 313 11.33 0.40 4.52
CA ARG C 313 12.16 1.42 3.88
C ARG C 313 11.32 2.59 3.40
N VAL C 314 11.79 3.81 3.67
CA VAL C 314 11.13 5.02 3.21
C VAL C 314 11.65 5.33 1.81
N SER C 315 10.73 5.42 0.84
CA SER C 315 11.09 5.47 -0.56
C SER C 315 10.73 6.76 -1.28
N CYS C 316 9.97 7.65 -0.67
CA CYS C 316 9.56 8.87 -1.37
C CYS C 316 9.23 9.97 -0.36
N LEU C 317 9.50 11.21 -0.75
CA LEU C 317 9.30 12.39 0.07
C LEU C 317 8.59 13.47 -0.74
N GLY C 318 8.05 14.46 -0.03
CA GLY C 318 7.39 15.58 -0.67
C GLY C 318 6.97 16.70 0.27
N VAL C 319 7.18 17.95 -0.17
CA VAL C 319 6.80 19.14 0.59
C VAL C 319 5.85 19.97 -0.26
N THR C 320 4.77 20.47 0.35
CA THR C 320 3.76 21.21 -0.37
C THR C 320 4.28 22.56 -0.83
N ASP C 321 3.54 23.18 -1.74
CA ASP C 321 3.93 24.48 -2.28
C ASP C 321 3.91 25.57 -1.21
N ASP C 322 2.92 25.54 -0.32
CA ASP C 322 2.83 26.51 0.76
C ASP C 322 3.66 26.13 1.97
N GLY C 323 4.30 24.96 1.96
CA GLY C 323 5.15 24.55 3.06
C GLY C 323 4.43 24.27 4.36
N MET C 324 3.22 23.73 4.29
CA MET C 324 2.43 23.46 5.47
C MET C 324 2.54 22.02 5.98
N ALA C 325 2.97 21.08 5.14
CA ALA C 325 3.00 19.69 5.55
C ALA C 325 4.04 18.93 4.75
N VAL C 326 4.43 17.77 5.28
CA VAL C 326 5.36 16.84 4.63
C VAL C 326 4.71 15.47 4.60
N ALA C 327 4.82 14.80 3.45
CA ALA C 327 4.25 13.47 3.27
C ALA C 327 5.36 12.49 2.90
N THR C 328 5.33 11.32 3.56
CA THR C 328 6.33 10.28 3.36
C THR C 328 5.65 8.97 2.97
N GLY C 329 6.24 8.25 2.02
CA GLY C 329 5.77 6.94 1.65
C GLY C 329 6.82 5.86 1.92
N SER C 330 6.39 4.61 2.07
CA SER C 330 7.29 3.55 2.50
C SER C 330 6.93 2.24 1.80
N TRP C 331 7.72 1.21 2.10
CA TRP C 331 7.53 -0.13 1.55
C TRP C 331 6.52 -0.95 2.34
N ASP C 332 5.93 -0.39 3.40
CA ASP C 332 4.94 -1.08 4.21
C ASP C 332 3.51 -0.75 3.78
N SER C 333 3.33 -0.16 2.60
CA SER C 333 2.01 0.11 2.01
C SER C 333 1.24 1.16 2.81
N PHE C 334 1.93 2.18 3.30
CA PHE C 334 1.29 3.27 4.03
C PHE C 334 2.03 4.57 3.71
N LEU C 335 1.32 5.68 3.88
CA LEU C 335 1.95 6.99 3.77
C LEU C 335 1.29 7.94 4.75
N LYS C 336 2.09 8.83 5.34
CA LYS C 336 1.65 9.68 6.43
C LYS C 336 1.94 11.14 6.11
N ILE C 337 1.19 12.03 6.75
CA ILE C 337 1.33 13.47 6.57
C ILE C 337 1.72 14.09 7.91
N TRP C 338 2.80 14.85 7.93
CA TRP C 338 3.36 15.42 9.14
C TRP C 338 3.27 16.94 9.13
N ASN C 339 3.20 17.52 10.32
CA ASN C 339 3.07 18.97 10.44
C ASN C 339 3.52 19.43 11.82
N SER D 8 38.44 4.79 -32.22
CA SER D 8 37.80 5.65 -31.23
C SER D 8 38.23 7.10 -31.41
N ILE D 9 38.65 7.45 -32.63
CA ILE D 9 39.07 8.82 -32.91
C ILE D 9 37.88 9.77 -32.79
N ALA D 10 36.72 9.37 -33.34
CA ALA D 10 35.54 10.22 -33.27
C ALA D 10 35.09 10.43 -31.83
N GLN D 11 35.13 9.37 -31.02
CA GLN D 11 34.77 9.50 -29.61
C GLN D 11 35.75 10.40 -28.86
N ALA D 12 37.04 10.27 -29.15
CA ALA D 12 38.03 11.10 -28.50
C ALA D 12 37.86 12.57 -28.85
N ARG D 13 37.56 12.87 -30.12
CA ARG D 13 37.36 14.26 -30.53
C ARG D 13 36.05 14.83 -30.01
N LYS D 14 35.09 14.00 -29.63
CA LYS D 14 33.85 14.50 -29.07
C LYS D 14 34.03 14.95 -27.62
N LEU D 15 34.88 14.26 -26.86
CA LEU D 15 35.07 14.61 -25.46
C LEU D 15 35.96 15.84 -25.29
N VAL D 16 36.93 16.03 -26.18
CA VAL D 16 37.81 17.19 -26.07
C VAL D 16 37.04 18.49 -26.25
N GLU D 17 36.15 18.54 -27.24
CA GLU D 17 35.39 19.76 -27.49
C GLU D 17 34.50 20.11 -26.31
N GLN D 18 33.86 19.11 -25.69
CA GLN D 18 33.02 19.36 -24.53
C GLN D 18 33.84 19.89 -23.35
N LEU D 19 35.04 19.35 -23.16
CA LEU D 19 35.89 19.80 -22.06
C LEU D 19 36.27 21.27 -22.23
N LYS D 20 36.51 21.70 -23.46
CA LYS D 20 36.82 23.11 -23.70
C LYS D 20 35.63 24.00 -23.36
N MET D 21 34.41 23.54 -23.65
CA MET D 21 33.22 24.33 -23.34
C MET D 21 33.06 24.53 -21.84
N GLU D 22 33.34 23.49 -21.05
CA GLU D 22 33.23 23.61 -19.60
C GLU D 22 34.36 24.42 -18.99
N ALA D 23 35.52 24.44 -19.65
CA ALA D 23 36.70 25.11 -19.11
C ALA D 23 36.73 26.60 -19.38
N ASN D 24 35.75 27.14 -20.10
CA ASN D 24 35.68 28.57 -20.40
C ASN D 24 34.33 29.09 -19.93
N ILE D 25 34.26 29.42 -18.64
CA ILE D 25 33.07 30.01 -18.02
C ILE D 25 33.53 31.04 -16.99
N ASP D 26 32.56 31.76 -16.45
CA ASP D 26 32.81 32.80 -15.45
C ASP D 26 32.43 32.27 -14.08
N ARG D 27 33.37 32.30 -13.14
CA ARG D 27 33.16 31.82 -11.79
C ARG D 27 33.34 32.96 -10.80
N ILE D 28 32.61 32.90 -9.69
CA ILE D 28 32.69 33.89 -8.62
C ILE D 28 33.23 33.23 -7.37
N LYS D 29 33.66 34.06 -6.42
CA LYS D 29 34.24 33.56 -5.18
C LYS D 29 33.22 32.80 -4.35
N VAL D 30 33.70 31.80 -3.61
CA VAL D 30 32.84 31.04 -2.71
C VAL D 30 32.30 31.93 -1.59
N SER D 31 33.08 32.91 -1.16
CA SER D 31 32.63 33.79 -0.08
C SER D 31 31.36 34.56 -0.48
N LYS D 32 31.31 35.05 -1.72
CA LYS D 32 30.11 35.71 -2.20
C LYS D 32 28.97 34.73 -2.39
N ALA D 33 29.28 33.50 -2.79
CA ALA D 33 28.25 32.50 -2.99
C ALA D 33 27.55 32.13 -1.68
N ALA D 34 28.31 31.99 -0.60
CA ALA D 34 27.72 31.65 0.69
C ALA D 34 26.90 32.80 1.25
N ALA D 35 27.31 34.04 1.00
CA ALA D 35 26.58 35.20 1.48
C ALA D 35 25.20 35.29 0.84
N ASP D 36 25.10 34.97 -0.45
CA ASP D 36 23.82 35.07 -1.14
C ASP D 36 22.82 34.02 -0.66
N LEU D 37 23.31 32.90 -0.13
CA LEU D 37 22.42 31.90 0.45
C LEU D 37 21.90 32.34 1.82
N MET D 38 22.71 33.10 2.57
CA MET D 38 22.25 33.65 3.85
C MET D 38 21.10 34.62 3.65
N ALA D 39 21.17 35.46 2.61
CA ALA D 39 20.15 36.49 2.42
C ALA D 39 18.79 35.90 2.13
N TYR D 40 18.73 34.87 1.28
CA TYR D 40 17.44 34.28 0.94
C TYR D 40 16.78 33.63 2.14
N CYS D 41 17.58 32.96 2.99
CA CYS D 41 17.01 32.32 4.17
C CYS D 41 16.54 33.34 5.19
N GLU D 42 17.28 34.45 5.33
CA GLU D 42 16.91 35.47 6.31
C GLU D 42 15.70 36.29 5.85
N ALA D 43 15.48 36.37 4.54
CA ALA D 43 14.39 37.17 4.00
C ALA D 43 13.08 36.42 3.88
N HIS D 44 13.06 35.11 4.19
CA HIS D 44 11.85 34.32 4.07
C HIS D 44 11.62 33.45 5.30
N ALA D 45 12.31 33.74 6.41
CA ALA D 45 12.18 32.92 7.60
C ALA D 45 10.82 33.07 8.27
N LYS D 46 10.14 34.19 8.06
CA LYS D 46 8.86 34.45 8.72
C LYS D 46 7.68 33.85 7.99
N GLU D 47 7.90 33.18 6.86
CA GLU D 47 6.82 32.58 6.08
C GLU D 47 7.04 31.08 5.87
N ASP D 48 7.70 30.43 6.82
CA ASP D 48 7.97 28.99 6.74
C ASP D 48 7.32 28.28 7.92
N PRO D 49 6.18 27.61 7.72
CA PRO D 49 5.53 26.91 8.83
C PRO D 49 6.39 25.83 9.47
N LEU D 50 7.21 25.12 8.69
CA LEU D 50 8.06 24.08 9.26
C LEU D 50 9.08 24.66 10.23
N LEU D 51 9.66 25.82 9.90
CA LEU D 51 10.56 26.50 10.82
C LEU D 51 9.80 27.04 12.03
N THR D 52 8.86 27.95 11.80
CA THR D 52 8.04 28.53 12.85
C THR D 52 6.64 27.98 12.76
N PRO D 53 6.22 27.11 13.68
CA PRO D 53 4.88 26.53 13.59
C PRO D 53 3.80 27.59 13.64
N VAL D 54 2.76 27.39 12.84
CA VAL D 54 1.61 28.30 12.78
C VAL D 54 0.68 27.98 13.93
N PRO D 55 -0.14 28.93 14.39
CA PRO D 55 -1.10 28.62 15.45
C PRO D 55 -2.13 27.61 14.99
N ALA D 56 -2.70 26.90 15.98
CA ALA D 56 -3.63 25.81 15.68
C ALA D 56 -4.89 26.29 14.96
N SER D 57 -5.20 27.59 15.03
CA SER D 57 -6.38 28.10 14.35
C SER D 57 -6.17 28.25 12.85
N GLU D 58 -4.92 28.28 12.38
CA GLU D 58 -4.62 28.44 10.96
C GLU D 58 -3.98 27.20 10.36
N ASN D 59 -4.13 26.05 11.01
CA ASN D 59 -3.54 24.81 10.54
C ASN D 59 -4.62 23.91 9.98
N PRO D 60 -4.66 23.70 8.65
CA PRO D 60 -5.71 22.86 8.08
C PRO D 60 -5.62 21.39 8.49
N PHE D 61 -4.48 20.93 8.98
CA PHE D 61 -4.33 19.54 9.40
C PHE D 61 -4.46 19.39 10.91
N VAL E 2 -22.94 11.93 -25.22
CA VAL E 2 -23.84 11.79 -24.09
C VAL E 2 -25.28 12.01 -24.53
N GLN E 3 -26.17 11.10 -24.16
CA GLN E 3 -27.57 11.19 -24.54
C GLN E 3 -28.43 10.58 -23.45
N LEU E 4 -29.60 11.19 -23.22
CA LEU E 4 -30.56 10.68 -22.24
C LEU E 4 -31.95 10.84 -22.84
N VAL E 5 -32.64 9.73 -23.07
CA VAL E 5 -33.93 9.71 -23.72
C VAL E 5 -34.96 9.13 -22.77
N GLU E 6 -36.05 9.86 -22.55
CA GLU E 6 -37.12 9.45 -21.64
C GLU E 6 -38.32 8.98 -22.43
N SER E 7 -38.99 7.94 -21.92
CA SER E 7 -40.15 7.37 -22.57
C SER E 7 -41.27 7.19 -21.55
N GLY E 8 -42.49 6.98 -22.06
CA GLY E 8 -43.67 6.88 -21.24
C GLY E 8 -44.68 7.96 -21.62
N GLY E 9 -45.33 8.52 -20.60
CA GLY E 9 -46.26 9.61 -20.82
C GLY E 9 -47.59 9.15 -21.40
N GLY E 10 -48.45 10.14 -21.63
CA GLY E 10 -49.77 9.91 -22.18
C GLY E 10 -50.83 10.53 -21.30
N LEU E 11 -52.07 10.07 -21.48
CA LEU E 11 -53.21 10.55 -20.72
C LEU E 11 -53.72 9.42 -19.83
N VAL E 12 -53.85 9.71 -18.54
CA VAL E 12 -54.25 8.71 -17.56
C VAL E 12 -55.34 9.30 -16.67
N GLN E 13 -56.36 8.50 -16.36
CA GLN E 13 -57.43 8.95 -15.50
C GLN E 13 -56.94 9.04 -14.05
N PRO E 14 -57.57 9.89 -13.23
CA PRO E 14 -57.17 9.98 -11.82
C PRO E 14 -57.35 8.65 -11.10
N GLY E 15 -56.41 8.35 -10.20
CA GLY E 15 -56.41 7.11 -9.46
C GLY E 15 -55.63 5.99 -10.10
N GLY E 16 -55.16 6.16 -11.34
CA GLY E 16 -54.45 5.12 -12.05
C GLY E 16 -52.98 5.09 -11.71
N SER E 17 -52.24 4.29 -12.49
CA SER E 17 -50.82 4.11 -12.31
C SER E 17 -50.11 4.19 -13.66
N ARG E 18 -48.85 4.59 -13.64
CA ARG E 18 -48.06 4.74 -14.84
C ARG E 18 -46.58 4.59 -14.48
N LYS E 19 -45.78 4.14 -15.45
CA LYS E 19 -44.36 3.88 -15.25
C LYS E 19 -43.57 4.61 -16.32
N LEU E 20 -42.55 5.35 -15.90
CA LEU E 20 -41.70 6.12 -16.79
C LEU E 20 -40.28 5.56 -16.78
N SER E 21 -39.64 5.56 -17.95
CA SER E 21 -38.31 4.99 -18.11
C SER E 21 -37.43 5.96 -18.88
N CYS E 22 -36.12 5.87 -18.63
CA CYS E 22 -35.13 6.70 -19.31
C CYS E 22 -33.93 5.84 -19.68
N SER E 23 -33.39 6.09 -20.87
CA SER E 23 -32.26 5.32 -21.40
C SER E 23 -31.03 6.20 -21.51
N ALA E 24 -29.86 5.61 -21.23
CA ALA E 24 -28.59 6.32 -21.25
C ALA E 24 -27.65 5.66 -22.25
N SER E 25 -26.91 6.49 -22.98
CA SER E 25 -25.92 5.98 -23.94
C SER E 25 -24.88 7.06 -24.18
N GLY E 26 -23.63 6.80 -23.79
CA GLY E 26 -22.55 7.71 -24.08
C GLY E 26 -21.61 7.99 -22.92
N PHE E 27 -21.97 7.52 -21.72
CA PHE E 27 -21.18 7.81 -20.53
C PHE E 27 -21.30 6.65 -19.56
N ALA E 28 -20.39 6.63 -18.58
CA ALA E 28 -20.40 5.61 -17.54
C ALA E 28 -21.63 5.81 -16.66
N PHE E 29 -22.62 4.94 -16.82
CA PHE E 29 -23.91 5.16 -16.17
C PHE E 29 -23.84 4.85 -14.68
N SER E 30 -23.15 3.78 -14.30
CA SER E 30 -23.16 3.33 -12.91
C SER E 30 -22.41 4.25 -11.96
N SER E 31 -21.64 5.21 -12.47
CA SER E 31 -20.88 6.13 -11.62
C SER E 31 -21.61 7.43 -11.35
N PHE E 32 -22.85 7.59 -11.82
CA PHE E 32 -23.58 8.84 -11.73
C PHE E 32 -24.85 8.66 -10.90
N GLY E 33 -25.14 9.64 -10.06
CA GLY E 33 -26.46 9.72 -9.45
C GLY E 33 -27.47 10.35 -10.39
N MET E 34 -28.75 10.11 -10.10
CA MET E 34 -29.81 10.55 -10.99
C MET E 34 -30.94 11.22 -10.20
N HIS E 35 -31.62 12.16 -10.85
CA HIS E 35 -32.73 12.90 -10.27
C HIS E 35 -33.91 12.89 -11.22
N TRP E 36 -35.08 13.22 -10.67
CA TRP E 36 -36.27 13.52 -11.46
C TRP E 36 -36.75 14.91 -11.08
N VAL E 37 -36.95 15.77 -12.08
CA VAL E 37 -37.42 17.14 -11.88
C VAL E 37 -38.56 17.40 -12.85
N ARG E 38 -39.67 17.95 -12.34
CA ARG E 38 -40.85 18.17 -13.14
C ARG E 38 -41.20 19.66 -13.19
N GLN E 39 -41.83 20.07 -14.29
CA GLN E 39 -42.20 21.46 -14.51
C GLN E 39 -43.64 21.52 -14.98
N ALA E 40 -44.48 22.26 -14.26
CA ALA E 40 -45.87 22.41 -14.61
C ALA E 40 -46.00 23.19 -15.92
N PRO E 41 -47.14 23.05 -16.62
CA PRO E 41 -47.26 23.68 -17.95
C PRO E 41 -47.02 25.18 -17.96
N GLU E 42 -47.40 25.89 -16.91
CA GLU E 42 -47.21 27.33 -16.83
C GLU E 42 -46.61 27.72 -15.48
N LYS E 43 -45.57 27.02 -15.07
CA LYS E 43 -44.92 27.27 -13.80
C LYS E 43 -43.43 26.93 -13.92
N GLY E 44 -42.75 26.83 -12.79
CA GLY E 44 -41.33 26.61 -12.73
C GLY E 44 -40.96 25.17 -12.45
N LEU E 45 -39.76 24.99 -11.93
CA LEU E 45 -39.20 23.67 -11.69
C LEU E 45 -39.54 23.17 -10.29
N GLU E 46 -39.40 21.86 -10.10
CA GLU E 46 -39.72 21.23 -8.81
C GLU E 46 -39.02 19.89 -8.72
N TRP E 47 -38.22 19.70 -7.69
CA TRP E 47 -37.50 18.45 -7.48
C TRP E 47 -38.47 17.36 -7.01
N VAL E 48 -38.19 16.12 -7.42
CA VAL E 48 -39.09 15.00 -7.12
C VAL E 48 -38.37 13.90 -6.34
N ALA E 49 -37.36 13.28 -6.93
CA ALA E 49 -36.75 12.10 -6.34
C ALA E 49 -35.27 12.04 -6.70
N TYR E 50 -34.54 11.20 -5.97
CA TYR E 50 -33.11 11.03 -6.18
C TYR E 50 -32.69 9.63 -5.74
N ILE E 51 -31.83 9.00 -6.53
CA ILE E 51 -31.28 7.68 -6.22
C ILE E 51 -29.76 7.75 -6.40
N SER E 52 -29.03 7.27 -5.41
CA SER E 52 -27.58 7.41 -5.39
C SER E 52 -26.91 6.41 -6.32
N SER E 53 -25.62 6.65 -6.57
CA SER E 53 -24.81 5.71 -7.34
C SER E 53 -24.49 4.50 -6.47
N GLY E 54 -24.95 3.33 -6.88
CA GLY E 54 -24.86 2.13 -6.08
C GLY E 54 -26.13 1.75 -5.37
N SER E 55 -27.18 2.59 -5.45
CA SER E 55 -28.49 2.30 -4.87
C SER E 55 -28.41 2.10 -3.36
N GLY E 56 -27.93 3.13 -2.68
CA GLY E 56 -27.80 3.10 -1.23
C GLY E 56 -28.57 4.20 -0.54
N THR E 57 -28.82 5.29 -1.25
CA THR E 57 -29.54 6.44 -0.71
C THR E 57 -30.67 6.81 -1.65
N ILE E 58 -31.88 6.94 -1.11
CA ILE E 58 -33.05 7.33 -1.88
C ILE E 58 -33.78 8.42 -1.10
N TYR E 59 -34.17 9.48 -1.81
CA TYR E 59 -34.87 10.61 -1.20
C TYR E 59 -36.12 10.93 -2.02
N TYR E 60 -37.16 11.43 -1.34
CA TYR E 60 -38.42 11.78 -1.96
C TYR E 60 -38.86 13.15 -1.46
N ALA E 61 -39.67 13.81 -2.29
CA ALA E 61 -40.34 15.04 -1.87
C ALA E 61 -41.58 14.70 -1.04
N ASP E 62 -41.97 15.64 -0.19
CA ASP E 62 -43.10 15.41 0.72
C ASP E 62 -44.41 15.25 -0.05
N THR E 63 -44.53 15.87 -1.23
CA THR E 63 -45.77 15.81 -1.99
C THR E 63 -46.02 14.40 -2.52
N VAL E 64 -44.97 13.70 -2.94
CA VAL E 64 -45.11 12.43 -3.65
C VAL E 64 -44.67 11.25 -2.80
N LYS E 65 -44.39 11.46 -1.51
CA LYS E 65 -43.97 10.36 -0.66
C LYS E 65 -45.11 9.39 -0.42
N GLY E 66 -44.82 8.09 -0.53
CA GLY E 66 -45.81 7.05 -0.36
C GLY E 66 -46.57 6.68 -1.61
N ARG E 67 -46.36 7.39 -2.71
CA ARG E 67 -47.01 7.09 -3.98
C ARG E 67 -46.04 6.81 -5.11
N PHE E 68 -44.83 7.38 -5.07
CA PHE E 68 -43.84 7.22 -6.12
C PHE E 68 -42.71 6.33 -5.66
N THR E 69 -42.08 5.64 -6.61
CA THR E 69 -40.94 4.77 -6.33
C THR E 69 -39.92 4.91 -7.45
N ILE E 70 -38.64 5.00 -7.08
CA ILE E 70 -37.55 5.21 -8.01
C ILE E 70 -36.60 4.01 -7.96
N SER E 71 -36.11 3.59 -9.12
CA SER E 71 -35.25 2.42 -9.21
C SER E 71 -34.39 2.51 -10.47
N ARG E 72 -33.31 1.73 -10.47
CA ARG E 72 -32.38 1.73 -11.59
C ARG E 72 -31.95 0.29 -11.88
N ASP E 73 -31.52 0.07 -13.13
CA ASP E 73 -31.03 -1.23 -13.58
C ASP E 73 -29.73 -0.99 -14.34
N ASP E 74 -28.60 -1.15 -13.66
CA ASP E 74 -27.31 -0.77 -14.23
C ASP E 74 -26.92 -1.55 -15.48
N PRO E 75 -27.02 -2.89 -15.52
CA PRO E 75 -26.57 -3.59 -16.73
C PRO E 75 -27.29 -3.18 -18.00
N LYS E 76 -28.56 -2.79 -17.90
CA LYS E 76 -29.29 -2.32 -19.07
C LYS E 76 -29.25 -0.81 -19.24
N ASN E 77 -28.67 -0.08 -18.27
CA ASN E 77 -28.55 1.38 -18.33
C ASN E 77 -29.91 2.05 -18.47
N THR E 78 -30.75 1.87 -17.45
CA THR E 78 -32.11 2.38 -17.47
C THR E 78 -32.52 2.83 -16.08
N LEU E 79 -33.29 3.92 -16.02
CA LEU E 79 -33.83 4.47 -14.78
C LEU E 79 -35.35 4.50 -14.86
N PHE E 80 -36.01 4.16 -13.76
CA PHE E 80 -37.46 4.01 -13.72
C PHE E 80 -38.09 4.94 -12.70
N LEU E 81 -39.39 5.17 -12.87
CA LEU E 81 -40.21 5.90 -11.90
C LEU E 81 -41.63 5.36 -11.97
N GLN E 82 -42.10 4.77 -10.87
CA GLN E 82 -43.43 4.17 -10.78
C GLN E 82 -44.34 5.10 -9.98
N MET E 83 -45.52 5.38 -10.53
CA MET E 83 -46.46 6.31 -9.92
C MET E 83 -47.80 5.63 -9.67
N THR E 84 -48.37 5.88 -8.49
CA THR E 84 -49.66 5.31 -8.10
C THR E 84 -50.55 6.39 -7.51
N SER E 85 -51.85 6.21 -7.68
CA SER E 85 -52.87 7.13 -7.16
C SER E 85 -52.63 8.55 -7.66
N LEU E 86 -52.71 8.70 -8.97
CA LEU E 86 -52.38 9.95 -9.63
C LEU E 86 -53.50 10.97 -9.45
N ARG E 87 -53.14 12.19 -9.05
CA ARG E 87 -54.07 13.30 -8.91
C ARG E 87 -53.93 14.25 -10.10
N SER E 88 -54.71 15.32 -10.07
CA SER E 88 -54.65 16.31 -11.14
C SER E 88 -53.48 17.27 -10.98
N GLU E 89 -52.76 17.22 -9.87
CA GLU E 89 -51.61 18.08 -9.63
C GLU E 89 -50.31 17.47 -10.11
N ASP E 90 -50.36 16.30 -10.74
CA ASP E 90 -49.17 15.62 -11.25
C ASP E 90 -48.97 15.81 -12.75
N THR E 91 -49.75 16.67 -13.38
CA THR E 91 -49.63 16.93 -14.82
C THR E 91 -48.49 17.90 -15.04
N ALA E 92 -47.40 17.42 -15.63
CA ALA E 92 -46.19 18.22 -15.82
C ALA E 92 -45.30 17.51 -16.83
N MET E 93 -44.14 18.11 -17.09
CA MET E 93 -43.11 17.53 -17.94
C MET E 93 -41.94 17.11 -17.06
N TYR E 94 -41.53 15.84 -17.18
CA TYR E 94 -40.56 15.25 -16.28
C TYR E 94 -39.19 15.14 -16.95
N TYR E 95 -38.14 15.48 -16.20
CA TYR E 95 -36.79 15.53 -16.72
C TYR E 95 -35.90 14.53 -15.97
N CYS E 96 -34.83 14.11 -16.63
CA CYS E 96 -33.80 13.25 -16.06
C CYS E 96 -32.49 14.00 -16.00
N VAL E 97 -31.84 14.01 -14.84
CA VAL E 97 -30.64 14.80 -14.61
C VAL E 97 -29.59 13.90 -13.98
N ARG E 98 -28.35 13.98 -14.47
CA ARG E 98 -27.23 13.23 -13.93
C ARG E 98 -26.35 14.12 -13.06
N SER E 99 -25.73 13.53 -12.05
CA SER E 99 -24.87 14.27 -11.14
C SER E 99 -23.85 13.33 -10.52
N ILE E 100 -22.62 13.81 -10.39
CA ILE E 100 -21.53 13.06 -9.81
C ILE E 100 -20.88 13.92 -8.73
N TYR E 101 -20.49 13.29 -7.61
CA TYR E 101 -20.08 14.01 -6.42
C TYR E 101 -18.68 13.58 -5.98
N TYR E 102 -17.70 14.45 -6.21
CA TYR E 102 -16.37 14.32 -5.62
C TYR E 102 -15.76 15.71 -5.58
N TYR E 103 -14.57 15.80 -4.98
CA TYR E 103 -13.90 17.09 -4.79
C TYR E 103 -13.58 17.74 -6.13
N GLY E 104 -14.25 18.86 -6.42
CA GLY E 104 -14.03 19.58 -7.66
C GLY E 104 -14.95 19.24 -8.80
N SER E 105 -16.04 18.54 -8.56
CA SER E 105 -16.96 18.14 -9.62
C SER E 105 -18.02 19.20 -9.86
N SER E 106 -18.77 19.04 -10.95
CA SER E 106 -19.84 19.94 -11.34
C SER E 106 -21.14 19.16 -11.47
N PRO E 107 -21.95 19.08 -10.42
CA PRO E 107 -23.21 18.34 -10.50
C PRO E 107 -24.23 19.06 -11.36
N PHE E 108 -25.27 18.31 -11.75
CA PHE E 108 -26.38 18.82 -12.55
C PHE E 108 -25.90 19.39 -13.89
N ASP E 109 -24.92 18.72 -14.50
CA ASP E 109 -24.29 19.26 -15.70
C ASP E 109 -24.93 18.77 -17.00
N PHE E 110 -25.89 17.85 -16.94
CA PHE E 110 -26.54 17.39 -18.17
C PHE E 110 -28.00 17.09 -17.89
N TRP E 111 -28.88 17.58 -18.76
CA TRP E 111 -30.30 17.32 -18.70
C TRP E 111 -30.76 16.69 -20.01
N GLY E 112 -31.88 15.98 -19.96
CA GLY E 112 -32.41 15.31 -21.11
C GLY E 112 -33.83 15.75 -21.41
N GLN E 113 -34.17 15.79 -22.69
CA GLN E 113 -35.53 16.10 -23.11
C GLN E 113 -36.49 15.07 -22.52
N GLY E 114 -37.58 15.55 -21.94
CA GLY E 114 -38.45 14.73 -21.14
C GLY E 114 -39.74 14.35 -21.82
N THR E 115 -40.68 13.86 -21.03
CA THR E 115 -41.98 13.42 -21.50
C THR E 115 -43.09 14.15 -20.74
N THR E 116 -44.25 14.24 -21.36
CA THR E 116 -45.40 14.96 -20.82
C THR E 116 -46.45 13.97 -20.33
N LEU E 117 -46.95 14.19 -19.12
CA LEU E 117 -47.99 13.38 -18.53
C LEU E 117 -49.19 14.26 -18.21
N THR E 118 -50.38 13.80 -18.59
CA THR E 118 -51.63 14.53 -18.33
C THR E 118 -52.55 13.63 -17.51
N VAL E 119 -53.04 14.17 -16.39
CA VAL E 119 -53.91 13.42 -15.48
C VAL E 119 -55.15 14.28 -15.27
N SER E 120 -56.20 14.01 -16.05
CA SER E 120 -57.45 14.76 -15.94
C SER E 120 -58.63 13.91 -16.38
N SER E 136 -40.01 24.05 7.46
CA SER E 136 -38.58 23.86 7.69
C SER E 136 -37.83 23.68 6.37
N ASP E 137 -38.27 24.41 5.34
CA ASP E 137 -37.64 24.36 4.03
C ASP E 137 -37.15 25.75 3.64
N ILE E 138 -36.03 25.78 2.93
CA ILE E 138 -35.40 27.04 2.54
C ILE E 138 -36.18 27.64 1.39
N VAL E 139 -36.52 28.93 1.50
CA VAL E 139 -37.28 29.65 0.50
C VAL E 139 -36.34 30.51 -0.30
N MET E 140 -36.38 30.36 -1.62
CA MET E 140 -35.52 31.10 -2.53
C MET E 140 -36.37 32.10 -3.30
N THR E 141 -35.99 33.38 -3.25
CA THR E 141 -36.82 34.46 -3.76
C THR E 141 -36.11 35.17 -4.91
N GLN E 142 -36.82 35.32 -6.02
CA GLN E 142 -36.38 36.13 -7.16
C GLN E 142 -37.41 37.24 -7.34
N ALA E 143 -37.10 38.44 -6.84
CA ALA E 143 -38.09 39.51 -6.81
C ALA E 143 -38.52 39.92 -8.20
N THR E 144 -37.56 40.08 -9.11
CA THR E 144 -37.88 40.49 -10.47
C THR E 144 -38.43 39.32 -11.27
N SER E 145 -39.27 39.63 -12.26
CA SER E 145 -39.86 38.63 -13.14
C SER E 145 -39.48 38.81 -14.59
N SER E 146 -39.57 40.02 -15.13
CA SER E 146 -39.25 40.30 -16.52
C SER E 146 -38.41 41.56 -16.62
N VAL E 147 -37.41 41.52 -17.48
CA VAL E 147 -36.54 42.67 -17.73
C VAL E 147 -36.31 42.83 -19.23
N PRO E 148 -36.62 43.99 -19.80
CA PRO E 148 -36.37 44.20 -21.23
C PRO E 148 -34.93 44.67 -21.46
N VAL E 149 -34.33 44.15 -22.53
CA VAL E 149 -32.95 44.50 -22.85
C VAL E 149 -32.77 44.64 -24.35
N PRO E 151 -29.00 43.84 -26.72
CA PRO E 151 -27.69 43.49 -27.30
C PRO E 151 -26.62 44.52 -26.99
N GLY E 152 -25.42 44.06 -26.67
CA GLY E 152 -24.34 44.97 -26.32
C GLY E 152 -24.59 45.76 -25.05
N GLU E 153 -25.12 45.09 -24.01
CA GLU E 153 -25.41 45.76 -22.76
C GLU E 153 -25.15 44.79 -21.60
N SER E 154 -25.03 45.35 -20.40
CA SER E 154 -24.78 44.58 -19.19
C SER E 154 -26.06 44.47 -18.37
N VAL E 155 -26.39 43.25 -17.97
CA VAL E 155 -27.61 42.97 -17.21
C VAL E 155 -27.24 42.18 -15.97
N SER E 156 -27.88 42.50 -14.85
CA SER E 156 -27.66 41.80 -13.59
C SER E 156 -28.98 41.22 -13.06
N ILE E 157 -28.91 40.02 -12.50
CA ILE E 157 -30.06 39.32 -11.94
C ILE E 157 -29.73 38.95 -10.51
N SER E 158 -30.69 39.18 -9.61
CA SER E 158 -30.48 39.01 -8.17
C SER E 158 -31.25 37.80 -7.65
N CYS E 159 -30.86 37.37 -6.45
CA CYS E 159 -31.46 36.21 -5.81
C CYS E 159 -31.28 36.35 -4.30
N ARG E 160 -32.18 35.73 -3.54
CA ARG E 160 -32.16 35.85 -2.08
C ARG E 160 -32.58 34.52 -1.46
N SER E 161 -32.13 34.29 -0.23
CA SER E 161 -32.43 33.06 0.49
C SER E 161 -32.82 33.37 1.92
N SER E 162 -33.63 32.50 2.50
CA SER E 162 -34.05 32.66 3.89
C SER E 162 -32.95 32.24 4.86
N LYS E 163 -32.17 31.22 4.51
CA LYS E 163 -31.11 30.70 5.36
C LYS E 163 -29.78 30.85 4.63
N SER E 164 -28.73 31.12 5.41
CA SER E 164 -27.40 31.30 4.83
C SER E 164 -26.92 30.01 4.18
N LEU E 165 -26.37 30.14 2.97
CA LEU E 165 -25.93 29.00 2.17
C LEU E 165 -24.43 28.75 2.28
N LEU E 166 -23.75 29.41 3.21
CA LEU E 166 -22.31 29.26 3.40
C LEU E 166 -22.06 28.27 4.52
N HIS E 167 -21.27 27.24 4.22
CA HIS E 167 -20.94 26.20 5.18
C HIS E 167 -19.61 26.50 5.86
N SER E 168 -19.35 25.76 6.94
CA SER E 168 -18.14 25.97 7.73
C SER E 168 -16.88 25.54 6.98
N ASN E 169 -17.01 24.78 5.90
CA ASN E 169 -15.87 24.39 5.09
C ASN E 169 -15.47 25.43 4.07
N GLY E 170 -16.19 26.55 4.00
CA GLY E 170 -15.87 27.61 3.06
C GLY E 170 -16.58 27.54 1.73
N ASN E 171 -17.63 26.74 1.62
CA ASN E 171 -18.34 26.54 0.37
C ASN E 171 -19.74 27.16 0.44
N THR E 172 -20.11 27.85 -0.64
CA THR E 172 -21.46 28.38 -0.81
C THR E 172 -22.13 27.61 -1.94
N TYR E 173 -23.33 27.10 -1.68
CA TYR E 173 -24.03 26.21 -2.61
C TYR E 173 -25.17 26.97 -3.28
N LEU E 174 -24.95 27.40 -4.51
CA LEU E 174 -25.98 28.07 -5.30
C LEU E 174 -25.71 27.81 -6.78
N TYR E 175 -26.77 27.48 -7.52
CA TYR E 175 -26.64 27.09 -8.91
C TYR E 175 -27.50 27.97 -9.80
N TRP E 176 -26.96 28.34 -10.96
CA TRP E 176 -27.66 29.16 -11.95
C TRP E 176 -27.93 28.31 -13.19
N PHE E 177 -29.17 28.37 -13.67
CA PHE E 177 -29.59 27.61 -14.85
C PHE E 177 -30.21 28.55 -15.87
N LEU E 178 -30.09 28.17 -17.15
CA LEU E 178 -30.70 28.91 -18.25
C LEU E 178 -31.56 27.95 -19.05
N GLN E 179 -32.79 28.37 -19.37
CA GLN E 179 -33.71 27.57 -20.16
C GLN E 179 -34.23 28.42 -21.31
N ARG E 180 -33.74 28.13 -22.51
CA ARG E 180 -34.24 28.77 -23.72
C ARG E 180 -35.57 28.14 -24.12
N PRO E 181 -36.43 28.88 -24.81
CA PRO E 181 -37.76 28.35 -25.15
C PRO E 181 -37.66 27.10 -26.01
N GLY E 182 -38.42 26.07 -25.64
CA GLY E 182 -38.41 24.82 -26.35
C GLY E 182 -37.22 23.93 -26.09
N GLN E 183 -36.42 24.22 -25.07
CA GLN E 183 -35.21 23.46 -24.80
C GLN E 183 -35.10 23.17 -23.31
N SER E 184 -34.33 22.14 -22.98
CA SER E 184 -34.09 21.77 -21.59
C SER E 184 -33.16 22.77 -20.92
N PRO E 185 -33.20 22.86 -19.59
CA PRO E 185 -32.30 23.77 -18.88
C PRO E 185 -30.84 23.37 -19.03
N GLN E 186 -29.97 24.37 -18.92
CA GLN E 186 -28.53 24.19 -19.05
C GLN E 186 -27.82 24.83 -17.87
N LEU E 187 -26.80 24.14 -17.34
CA LEU E 187 -26.05 24.66 -16.22
C LEU E 187 -25.15 25.81 -16.64
N LEU E 188 -25.13 26.87 -15.83
CA LEU E 188 -24.29 28.04 -16.07
C LEU E 188 -23.20 28.19 -15.01
N ILE E 189 -23.59 28.27 -13.74
CA ILE E 189 -22.66 28.49 -12.64
C ILE E 189 -22.96 27.49 -11.53
N TYR E 190 -21.92 26.83 -11.04
CA TYR E 190 -22.04 25.93 -9.90
C TYR E 190 -21.25 26.48 -8.73
N ARG E 191 -21.47 25.88 -7.56
CA ARG E 191 -20.96 26.38 -6.27
C ARG E 191 -21.47 27.78 -6.02
N MET E 192 -20.64 28.80 -6.24
CA MET E 192 -21.16 30.16 -6.30
C MET E 192 -20.57 31.01 -7.43
N SER E 193 -19.37 30.69 -7.91
CA SER E 193 -18.70 31.51 -8.91
C SER E 193 -18.07 30.74 -10.05
N ASN E 194 -17.94 29.42 -9.94
CA ASN E 194 -17.26 28.63 -10.96
C ASN E 194 -18.08 28.59 -12.25
N LEU E 195 -17.40 28.71 -13.38
CA LEU E 195 -18.02 28.74 -14.69
C LEU E 195 -17.98 27.35 -15.31
N ALA E 196 -19.13 26.89 -15.78
CA ALA E 196 -19.24 25.54 -16.31
C ALA E 196 -18.54 25.43 -17.65
N SER E 197 -18.18 24.19 -18.02
CA SER E 197 -17.48 23.94 -19.27
C SER E 197 -18.39 24.20 -20.46
N GLY E 198 -17.81 24.81 -21.49
CA GLY E 198 -18.55 25.14 -22.69
C GLY E 198 -19.33 26.43 -22.63
N VAL E 199 -19.24 27.18 -21.54
CA VAL E 199 -19.97 28.42 -21.36
C VAL E 199 -19.03 29.58 -21.69
N PRO E 200 -19.46 30.56 -22.49
CA PRO E 200 -18.58 31.69 -22.81
C PRO E 200 -18.22 32.49 -21.58
N ASP E 201 -17.03 33.09 -21.62
CA ASP E 201 -16.43 33.80 -20.50
C ASP E 201 -17.10 35.12 -20.17
N ARG E 202 -18.21 35.49 -20.79
CA ARG E 202 -18.89 36.74 -20.47
C ARG E 202 -19.86 36.61 -19.31
N PHE E 203 -20.04 35.41 -18.77
CA PHE E 203 -20.91 35.17 -17.63
C PHE E 203 -20.07 35.20 -16.35
N SER E 204 -20.52 35.96 -15.37
CA SER E 204 -19.85 36.04 -14.08
C SER E 204 -20.87 35.90 -12.96
N GLY E 205 -20.44 35.30 -11.86
CA GLY E 205 -21.31 35.11 -10.72
C GLY E 205 -20.63 35.40 -9.40
N SER E 206 -21.25 36.24 -8.58
CA SER E 206 -20.66 36.63 -7.31
C SER E 206 -21.77 37.00 -6.34
N GLY E 207 -21.43 36.98 -5.05
CA GLY E 207 -22.39 37.35 -4.03
C GLY E 207 -21.88 36.96 -2.66
N SER E 208 -22.71 37.25 -1.67
CA SER E 208 -22.38 36.92 -0.28
C SER E 208 -23.52 36.11 0.33
N GLY E 209 -23.48 35.89 1.64
CA GLY E 209 -24.57 35.19 2.29
C GLY E 209 -25.90 35.90 2.09
N THR E 210 -26.90 35.15 1.63
CA THR E 210 -28.29 35.60 1.53
C THR E 210 -28.48 36.58 0.37
N ALA E 211 -27.39 37.01 -0.27
CA ALA E 211 -27.47 37.94 -1.39
C ALA E 211 -26.57 37.47 -2.52
N PHE E 212 -27.14 37.28 -3.70
CA PHE E 212 -26.41 36.74 -4.84
C PHE E 212 -26.81 37.49 -6.11
N THR E 213 -25.88 37.56 -7.06
CA THR E 213 -26.08 38.28 -8.30
C THR E 213 -25.39 37.56 -9.45
N LEU E 214 -26.05 37.52 -10.60
CA LEU E 214 -25.48 37.00 -11.84
C LEU E 214 -25.39 38.13 -12.85
N THR E 215 -24.20 38.30 -13.43
CA THR E 215 -23.92 39.43 -14.32
C THR E 215 -23.55 38.91 -15.70
N ILE E 216 -24.11 39.54 -16.73
CA ILE E 216 -23.80 39.23 -18.12
C ILE E 216 -23.21 40.48 -18.76
N SER E 217 -22.06 40.33 -19.40
CA SER E 217 -21.39 41.44 -20.08
C SER E 217 -21.40 41.19 -21.57
N ARG E 218 -21.70 42.25 -22.34
CA ARG E 218 -21.78 42.18 -23.80
C ARG E 218 -22.82 41.14 -24.24
N LEU E 219 -24.06 41.44 -23.90
CA LEU E 219 -25.17 40.56 -24.23
C LEU E 219 -25.29 40.38 -25.74
N GLU E 220 -25.64 39.16 -26.15
CA GLU E 220 -25.75 38.83 -27.57
C GLU E 220 -26.97 37.94 -27.76
N ALA E 221 -27.08 37.33 -28.94
CA ALA E 221 -28.15 36.39 -29.20
C ALA E 221 -27.93 35.11 -28.41
N GLU E 222 -28.97 34.26 -28.40
CA GLU E 222 -28.97 33.01 -27.65
C GLU E 222 -28.78 33.22 -26.16
N ASP E 223 -29.18 34.41 -25.67
CA ASP E 223 -29.13 34.73 -24.26
C ASP E 223 -30.50 35.11 -23.71
N VAL E 224 -31.57 34.84 -24.44
CA VAL E 224 -32.94 35.15 -24.01
C VAL E 224 -33.55 33.89 -23.41
N GLY E 225 -34.18 34.04 -22.25
CA GLY E 225 -34.78 32.89 -21.59
C GLY E 225 -35.13 33.19 -20.15
N VAL E 226 -35.18 32.13 -19.34
CA VAL E 226 -35.51 32.22 -17.93
C VAL E 226 -34.32 31.72 -17.12
N TYR E 227 -34.00 32.44 -16.05
CA TYR E 227 -32.87 32.10 -15.19
C TYR E 227 -33.39 31.68 -13.82
N TYR E 228 -32.86 30.57 -13.31
CA TYR E 228 -33.36 29.96 -12.09
C TYR E 228 -32.27 29.88 -11.03
N CYS E 229 -32.68 30.00 -9.77
CA CYS E 229 -31.85 29.74 -8.61
C CYS E 229 -32.11 28.34 -8.10
N MET E 230 -31.12 27.75 -7.45
CA MET E 230 -31.29 26.45 -6.82
C MET E 230 -30.23 26.28 -5.75
N GLN E 231 -30.64 25.80 -4.58
CA GLN E 231 -29.73 25.57 -3.46
C GLN E 231 -29.52 24.07 -3.26
N HIS E 232 -28.29 23.71 -2.90
CA HIS E 232 -27.93 22.32 -2.64
C HIS E 232 -27.37 22.15 -1.23
N LEU E 233 -27.80 23.00 -0.29
CA LEU E 233 -27.33 22.89 1.07
C LEU E 233 -27.92 21.67 1.78
N GLU E 234 -29.21 21.44 1.60
CA GLU E 234 -29.87 20.31 2.25
C GLU E 234 -31.11 19.94 1.45
N TYR E 235 -31.58 18.70 1.68
CA TYR E 235 -32.78 18.17 1.04
C TYR E 235 -34.02 18.58 1.84
N PRO E 236 -35.15 18.84 1.17
CA PRO E 236 -35.33 18.81 -0.28
C PRO E 236 -34.76 20.03 -1.00
N LEU E 237 -34.28 19.83 -2.22
CA LEU E 237 -33.74 20.93 -3.00
C LEU E 237 -34.87 21.83 -3.50
N THR E 238 -34.65 23.14 -3.49
CA THR E 238 -35.67 24.11 -3.84
C THR E 238 -35.14 25.08 -4.89
N PHE E 239 -36.05 25.54 -5.74
CA PHE E 239 -35.76 26.45 -6.83
C PHE E 239 -36.35 27.83 -6.55
N GLY E 240 -36.07 28.77 -7.46
CA GLY E 240 -36.68 30.08 -7.43
C GLY E 240 -37.79 30.20 -8.48
N ALA E 241 -38.38 31.40 -8.52
CA ALA E 241 -39.49 31.63 -9.44
C ALA E 241 -39.01 31.77 -10.88
N GLY E 242 -37.92 32.48 -11.10
CA GLY E 242 -37.38 32.64 -12.45
C GLY E 242 -37.55 34.07 -12.96
N THR E 243 -36.52 34.56 -13.63
CA THR E 243 -36.52 35.89 -14.23
C THR E 243 -36.36 35.74 -15.74
N LYS E 244 -37.22 36.43 -16.49
CA LYS E 244 -37.27 36.31 -17.94
C LYS E 244 -36.64 37.52 -18.61
N LEU E 245 -35.88 37.26 -19.67
CA LEU E 245 -35.30 38.29 -20.52
C LEU E 245 -36.05 38.32 -21.84
N GLU E 246 -36.48 39.51 -22.27
CA GLU E 246 -37.27 39.67 -23.47
C GLU E 246 -36.54 40.56 -24.47
N LEU E 247 -37.09 40.60 -25.69
CA LEU E 247 -36.55 41.40 -26.80
C LEU E 247 -35.13 40.98 -27.14
#